data_1MC8
#
_entry.id   1MC8
#
_cell.length_a   62.67
_cell.length_b   62.67
_cell.length_c   180.69
_cell.angle_alpha   90.0
_cell.angle_beta   90.0
_cell.angle_gamma   120.0
#
_symmetry.space_group_name_H-M   'P 31'
#
_entity_poly.entity_id   1
_entity_poly.type   'polypeptide(L)'
_entity_poly.pdbx_seq_one_letter_code
;MGVPIGDLVPRKEIDLENLYGKKIAIDALNAIYQFLSTIRQEDGTPLMDSKGRITSHLSGLFYRTINLMEAGIKPAYVFD
GKPPEFKRKELEKRREAREEAELKWKEALAKGNLEEARKYAQRATKVNEMLIEDAKKLLQLMGIPIIQAPSEGEAQAAYM
ASKGDVYASASQDYDSLLFGAPRLIRNLTITGKRKMPGKDVYVEIKPELVVLDEVLKELKITREKLIELAILVGTDYNPG
GVKGIGPKKALEIVRYSRDPLAKFQRQSDVDLYAIKEFFLNPPVTNEYSLSWKEPDEEGILKFLCDEHNFSEERVKNGIE
RLKKAIKAGRQSTLESWFVKKKP
;
_entity_poly.pdbx_strand_id   A,B
#
# COMPACT_ATOMS: atom_id res chain seq x y z
N GLY A 2 -12.71 2.68 -3.70
CA GLY A 2 -12.56 2.49 -5.14
C GLY A 2 -12.01 1.10 -5.46
N VAL A 3 -11.80 0.91 -6.77
CA VAL A 3 -11.36 -0.34 -7.39
C VAL A 3 -9.85 -0.37 -7.64
N PRO A 4 -9.09 -1.47 -7.42
CA PRO A 4 -7.64 -1.58 -7.64
C PRO A 4 -7.13 -1.61 -9.07
N ILE A 5 -7.85 -1.09 -10.06
CA ILE A 5 -7.43 -1.20 -11.43
C ILE A 5 -6.46 -0.08 -11.78
N GLY A 6 -5.73 0.36 -10.77
CA GLY A 6 -4.74 1.40 -10.87
C GLY A 6 -3.63 1.01 -11.83
N ASP A 7 -2.94 -0.13 -11.68
CA ASP A 7 -1.84 -0.46 -12.59
C ASP A 7 -2.27 -0.52 -14.07
N LEU A 8 -3.56 -0.45 -14.43
CA LEU A 8 -3.97 -0.57 -15.80
C LEU A 8 -4.32 0.77 -16.40
N VAL A 9 -4.74 1.81 -15.64
CA VAL A 9 -5.16 2.98 -16.40
C VAL A 9 -4.00 3.94 -16.52
N PRO A 10 -3.59 4.20 -17.76
CA PRO A 10 -2.80 5.34 -18.19
C PRO A 10 -3.17 6.70 -17.65
N ARG A 11 -2.06 7.44 -17.52
CA ARG A 11 -1.97 8.75 -16.88
C ARG A 11 -1.10 9.68 -17.67
N LYS A 12 -1.24 11.00 -17.47
CA LYS A 12 -0.38 12.00 -18.09
C LYS A 12 0.19 12.78 -16.91
N GLU A 13 0.77 13.96 -17.04
CA GLU A 13 1.27 14.78 -15.92
C GLU A 13 0.31 15.96 -15.91
N ILE A 14 0.75 17.13 -15.43
CA ILE A 14 0.09 18.43 -15.46
C ILE A 14 0.84 19.28 -14.42
N ASP A 15 0.60 20.56 -14.31
CA ASP A 15 1.13 21.37 -13.23
C ASP A 15 -0.04 22.18 -12.79
N LEU A 16 -0.10 22.76 -11.59
CA LEU A 16 -1.30 23.50 -11.25
C LEU A 16 -1.32 24.91 -11.83
N GLU A 17 -0.88 24.96 -13.10
CA GLU A 17 -1.04 26.06 -14.02
C GLU A 17 -2.07 25.66 -15.08
N ASN A 18 -2.14 24.43 -15.65
CA ASN A 18 -3.16 24.13 -16.67
C ASN A 18 -4.50 23.72 -16.10
N LEU A 19 -4.74 24.20 -14.88
CA LEU A 19 -6.07 24.08 -14.31
C LEU A 19 -6.54 25.51 -14.07
N TYR A 20 -5.83 26.49 -14.65
CA TYR A 20 -6.16 27.89 -14.57
C TYR A 20 -7.52 27.98 -15.24
N GLY A 21 -8.41 28.56 -14.42
CA GLY A 21 -9.76 28.91 -14.77
C GLY A 21 -10.64 27.69 -14.96
N LYS A 22 -10.30 26.44 -14.65
CA LYS A 22 -11.25 25.34 -14.94
C LYS A 22 -12.23 24.89 -13.86
N LYS A 23 -13.53 24.85 -14.17
CA LYS A 23 -14.55 24.35 -13.26
C LYS A 23 -14.18 22.89 -12.94
N ILE A 24 -14.17 22.35 -11.72
CA ILE A 24 -13.77 20.98 -11.41
C ILE A 24 -14.76 20.46 -10.39
N ALA A 25 -15.31 19.29 -10.58
CA ALA A 25 -16.20 18.67 -9.62
C ALA A 25 -15.37 17.88 -8.62
N ILE A 26 -15.22 18.21 -7.34
CA ILE A 26 -14.39 17.43 -6.42
C ILE A 26 -15.26 16.55 -5.50
N ASP A 27 -15.20 15.20 -5.53
CA ASP A 27 -15.95 14.33 -4.59
C ASP A 27 -15.37 14.65 -3.21
N ALA A 28 -16.28 15.20 -2.41
CA ALA A 28 -15.88 15.53 -1.05
C ALA A 28 -15.45 14.37 -0.17
N LEU A 29 -16.20 13.28 0.14
CA LEU A 29 -15.72 12.35 1.17
C LEU A 29 -14.31 11.86 0.99
N ASN A 30 -13.91 11.75 -0.26
CA ASN A 30 -12.55 11.36 -0.60
C ASN A 30 -11.60 12.44 -0.13
N ALA A 31 -11.89 13.66 -0.60
CA ALA A 31 -11.13 14.82 -0.28
C ALA A 31 -11.13 14.75 1.22
N ILE A 32 -12.22 14.54 1.95
CA ILE A 32 -12.14 14.54 3.40
C ILE A 32 -11.23 13.42 3.84
N TYR A 33 -11.20 12.22 3.23
CA TYR A 33 -10.34 11.18 3.77
C TYR A 33 -8.91 11.41 3.31
N GLN A 34 -8.59 12.22 2.30
CA GLN A 34 -7.19 12.53 1.91
C GLN A 34 -6.52 13.47 2.91
N PHE A 35 -7.35 14.31 3.55
CA PHE A 35 -6.92 15.27 4.54
C PHE A 35 -6.81 14.49 5.80
N LEU A 36 -7.82 13.75 6.31
CA LEU A 36 -7.69 12.97 7.51
C LEU A 36 -6.38 12.18 7.59
N SER A 37 -5.76 11.92 6.46
CA SER A 37 -4.48 11.31 6.36
C SER A 37 -3.36 12.35 6.33
N THR A 38 -3.35 13.27 5.38
CA THR A 38 -2.26 14.19 5.21
C THR A 38 -2.24 15.24 6.26
N ILE A 39 -3.31 15.83 6.77
CA ILE A 39 -3.13 16.97 7.65
C ILE A 39 -3.01 16.47 9.07
N ARG A 40 -1.77 16.32 9.51
CA ARG A 40 -1.53 15.84 10.85
C ARG A 40 -0.66 16.84 11.65
N GLN A 41 -0.45 16.46 12.91
CA GLN A 41 0.38 17.24 13.81
C GLN A 41 1.75 16.67 13.58
N GLU A 42 2.80 17.50 13.77
CA GLU A 42 4.20 17.10 13.63
C GLU A 42 4.55 15.97 14.58
N ASP A 43 3.71 15.86 15.59
CA ASP A 43 3.71 14.84 16.61
C ASP A 43 2.85 13.66 16.15
N GLY A 44 2.63 13.53 14.84
CA GLY A 44 1.87 12.45 14.26
C GLY A 44 0.53 12.17 14.88
N THR A 45 -0.47 12.98 14.72
CA THR A 45 -1.78 12.63 15.24
C THR A 45 -2.70 13.51 14.45
N PRO A 46 -3.98 13.27 14.30
CA PRO A 46 -4.78 14.11 13.43
C PRO A 46 -5.16 15.37 14.19
N LEU A 47 -5.19 16.53 13.54
CA LEU A 47 -5.66 17.71 14.21
C LEU A 47 -6.98 17.47 14.91
N MET A 48 -7.02 17.86 16.19
CA MET A 48 -8.23 17.83 17.03
C MET A 48 -8.42 19.13 17.83
N ASP A 49 -9.69 19.43 18.11
CA ASP A 49 -10.07 20.66 18.79
C ASP A 49 -10.10 20.39 20.28
N SER A 50 -9.86 21.35 21.18
CA SER A 50 -9.76 21.11 22.62
C SER A 50 -10.68 20.11 23.24
N LYS A 51 -11.98 20.03 22.84
CA LYS A 51 -12.94 19.09 23.39
C LYS A 51 -12.77 17.70 22.85
N GLY A 52 -11.67 17.47 22.17
CA GLY A 52 -11.43 16.16 21.63
C GLY A 52 -11.67 16.04 20.14
N ARG A 53 -12.84 16.26 19.53
CA ARG A 53 -12.99 15.85 18.14
C ARG A 53 -12.05 16.38 17.02
N ILE A 54 -11.92 15.58 15.92
CA ILE A 54 -10.92 15.82 14.87
C ILE A 54 -11.32 17.00 14.00
N THR A 55 -10.29 17.50 13.35
CA THR A 55 -10.39 18.84 12.84
C THR A 55 -9.68 19.05 11.54
N SER A 56 -9.04 17.98 11.10
CA SER A 56 -8.21 18.07 9.91
C SER A 56 -9.04 18.20 8.65
N HIS A 57 -10.17 17.51 8.49
CA HIS A 57 -10.99 17.71 7.30
C HIS A 57 -11.66 19.06 7.14
N LEU A 58 -11.52 19.85 8.21
CA LEU A 58 -11.87 21.27 8.28
C LEU A 58 -10.56 22.00 7.94
N SER A 59 -9.43 21.84 8.65
CA SER A 59 -8.18 22.51 8.30
C SER A 59 -7.68 22.24 6.89
N GLY A 60 -8.14 21.13 6.32
CA GLY A 60 -7.81 20.72 4.97
C GLY A 60 -8.75 21.52 4.06
N LEU A 61 -10.01 21.10 3.98
CA LEU A 61 -11.02 21.70 3.13
C LEU A 61 -10.88 23.18 3.05
N PHE A 62 -10.69 23.83 4.19
CA PHE A 62 -10.57 25.27 4.19
C PHE A 62 -9.30 25.77 3.53
N TYR A 63 -8.10 25.42 3.94
CA TYR A 63 -6.98 26.03 3.29
C TYR A 63 -6.79 25.39 1.91
N ARG A 64 -7.15 24.13 1.64
CA ARG A 64 -6.89 23.53 0.32
C ARG A 64 -7.84 23.96 -0.76
N THR A 65 -9.13 24.17 -0.59
CA THR A 65 -9.90 24.64 -1.72
C THR A 65 -9.38 26.07 -1.98
N ILE A 66 -9.11 26.87 -0.93
CA ILE A 66 -8.51 28.19 -1.08
C ILE A 66 -7.17 28.22 -1.85
N ASN A 67 -6.20 27.38 -1.62
CA ASN A 67 -4.99 27.45 -2.41
C ASN A 67 -5.27 27.00 -3.84
N LEU A 68 -6.26 26.17 -4.12
CA LEU A 68 -6.61 25.81 -5.47
C LEU A 68 -7.18 27.02 -6.25
N MET A 69 -8.11 27.66 -5.53
CA MET A 69 -8.85 28.81 -6.00
C MET A 69 -7.73 29.83 -6.13
N GLU A 70 -6.69 29.94 -5.28
CA GLU A 70 -5.61 30.88 -5.53
C GLU A 70 -4.88 30.55 -6.82
N ALA A 71 -4.81 29.26 -7.16
CA ALA A 71 -4.20 28.82 -8.42
C ALA A 71 -5.10 29.13 -9.59
N GLY A 72 -6.37 29.36 -9.31
CA GLY A 72 -7.28 29.71 -10.37
C GLY A 72 -8.23 28.61 -10.76
N ILE A 73 -8.23 27.48 -10.05
CA ILE A 73 -9.18 26.39 -10.33
C ILE A 73 -10.53 26.83 -9.74
N LYS A 74 -11.74 26.48 -10.21
CA LYS A 74 -12.89 26.75 -9.41
C LYS A 74 -13.44 25.37 -8.97
N PRO A 75 -13.58 24.96 -7.70
CA PRO A 75 -14.15 23.69 -7.29
C PRO A 75 -15.63 23.65 -6.87
N ALA A 76 -16.30 22.52 -7.03
CA ALA A 76 -17.63 22.28 -6.50
C ALA A 76 -17.62 20.89 -5.82
N TYR A 77 -17.84 20.70 -4.52
CA TYR A 77 -17.73 19.37 -3.97
C TYR A 77 -18.93 18.50 -4.15
N VAL A 78 -18.91 17.31 -4.72
CA VAL A 78 -20.15 16.55 -4.86
C VAL A 78 -20.29 15.74 -3.63
N PHE A 79 -21.52 15.66 -3.17
CA PHE A 79 -21.88 15.00 -1.91
C PHE A 79 -22.62 13.72 -2.17
N ASP A 80 -22.36 12.63 -1.43
CA ASP A 80 -23.07 11.36 -1.64
C ASP A 80 -24.52 11.48 -1.22
N GLY A 81 -25.33 10.69 -1.88
CA GLY A 81 -26.71 10.61 -1.48
C GLY A 81 -26.83 9.46 -0.53
N LYS A 82 -27.96 8.79 -0.60
CA LYS A 82 -28.16 7.70 0.32
C LYS A 82 -27.44 6.65 -0.48
N PRO A 83 -26.32 6.11 0.04
CA PRO A 83 -25.43 5.24 -0.69
C PRO A 83 -26.23 4.01 -1.12
N PRO A 84 -26.02 3.38 -2.29
CA PRO A 84 -26.94 2.38 -2.84
C PRO A 84 -27.24 1.16 -1.96
N GLU A 85 -26.31 0.77 -1.05
CA GLU A 85 -26.44 -0.39 -0.18
C GLU A 85 -26.52 -1.68 -0.97
N PHE A 86 -25.48 -2.01 -1.76
CA PHE A 86 -25.59 -3.12 -2.71
C PHE A 86 -25.69 -4.59 -2.37
N LYS A 87 -25.73 -4.93 -1.08
CA LYS A 87 -25.61 -6.33 -0.67
C LYS A 87 -26.95 -7.09 -0.53
N ARG A 88 -26.84 -8.38 -0.15
CA ARG A 88 -28.03 -9.24 -0.12
C ARG A 88 -29.08 -8.86 0.90
N LYS A 89 -30.26 -9.46 0.69
CA LYS A 89 -31.46 -9.20 1.51
C LYS A 89 -31.31 -9.77 2.92
N GLU A 90 -31.40 -11.10 2.95
CA GLU A 90 -31.32 -11.96 4.11
C GLU A 90 -31.92 -11.67 5.50
N LEU A 91 -32.40 -10.50 5.85
CA LEU A 91 -32.94 -10.26 7.17
C LEU A 91 -34.05 -9.19 7.00
N GLU A 92 -34.60 -9.09 5.77
CA GLU A 92 -35.43 -8.00 5.24
C GLU A 92 -34.66 -6.74 5.59
N LYS A 93 -34.90 -6.16 6.76
CA LYS A 93 -34.28 -4.91 7.14
C LYS A 93 -33.13 -5.31 8.04
N ARG A 94 -31.95 -5.23 7.42
CA ARG A 94 -30.68 -5.42 8.11
C ARG A 94 -30.50 -4.12 8.93
N ARG A 95 -31.48 -3.80 9.81
CA ARG A 95 -31.49 -2.56 10.57
C ARG A 95 -30.90 -2.93 11.90
N GLU A 96 -30.40 -1.86 12.55
CA GLU A 96 -29.88 -1.82 13.92
C GLU A 96 -29.52 -3.23 14.41
N ALA A 97 -28.54 -3.76 13.66
CA ALA A 97 -28.02 -5.09 13.92
C ALA A 97 -27.05 -4.98 15.11
N ARG A 98 -27.49 -5.36 16.32
CA ARG A 98 -26.74 -5.27 17.58
C ARG A 98 -25.28 -5.74 17.48
N GLU A 99 -24.49 -4.83 16.96
CA GLU A 99 -23.06 -4.96 16.73
C GLU A 99 -22.51 -3.64 17.30
N GLU A 100 -21.20 -3.29 17.33
CA GLU A 100 -20.88 -2.03 17.98
C GLU A 100 -20.95 -0.84 17.05
N ALA A 101 -22.04 -0.12 17.32
CA ALA A 101 -22.34 1.16 16.71
C ALA A 101 -21.58 2.24 17.48
N GLU A 102 -21.61 3.51 17.01
CA GLU A 102 -21.01 4.71 17.62
C GLU A 102 -19.54 4.62 17.98
N LEU A 103 -19.18 3.74 18.93
CA LEU A 103 -17.82 3.46 19.37
C LEU A 103 -16.98 2.51 18.51
N LYS A 104 -17.20 2.76 17.20
CA LYS A 104 -16.46 2.16 16.12
C LYS A 104 -15.73 3.45 15.76
N TRP A 105 -15.91 4.07 14.57
CA TRP A 105 -15.21 5.34 14.30
C TRP A 105 -16.06 6.57 14.72
N LYS A 106 -15.73 6.78 16.00
CA LYS A 106 -15.81 8.06 16.69
C LYS A 106 -14.47 7.76 17.32
N GLU A 107 -14.38 6.84 18.30
CA GLU A 107 -13.06 6.49 18.80
C GLU A 107 -12.54 5.34 17.93
N ALA A 108 -12.06 5.91 16.81
CA ALA A 108 -11.36 5.17 15.79
C ALA A 108 -9.91 5.55 15.98
N LEU A 109 -9.38 4.67 16.85
CA LEU A 109 -7.99 4.45 17.20
C LEU A 109 -7.16 4.70 15.91
N ALA A 110 -7.57 3.99 14.83
CA ALA A 110 -6.97 4.04 13.48
C ALA A 110 -6.52 5.30 12.75
N LYS A 111 -7.17 6.48 12.89
CA LYS A 111 -6.60 7.63 12.25
C LYS A 111 -5.31 7.83 12.99
N GLY A 112 -5.07 7.49 14.28
CA GLY A 112 -3.69 7.38 14.75
C GLY A 112 -3.22 6.16 13.91
N ASN A 113 -2.67 6.44 12.74
CA ASN A 113 -2.63 5.43 11.75
C ASN A 113 -1.63 4.34 11.85
N LEU A 114 -2.29 3.26 12.23
CA LEU A 114 -1.66 1.98 12.10
C LEU A 114 -2.45 1.21 10.99
N GLU A 115 -3.59 1.66 10.44
CA GLU A 115 -4.29 1.00 9.32
C GLU A 115 -5.31 1.94 8.59
N GLU A 116 -6.10 1.42 7.63
CA GLU A 116 -7.12 2.23 6.94
C GLU A 116 -8.51 1.76 7.22
N ALA A 117 -8.95 2.24 8.37
CA ALA A 117 -10.31 1.98 8.76
C ALA A 117 -11.12 3.24 8.44
N ARG A 118 -11.42 3.24 7.13
CA ARG A 118 -12.47 3.95 6.39
C ARG A 118 -13.38 2.71 6.28
N LYS A 119 -12.76 1.59 5.87
CA LYS A 119 -13.28 0.22 5.91
C LYS A 119 -13.91 -0.26 7.24
N TYR A 120 -13.99 0.58 8.27
CA TYR A 120 -14.78 0.26 9.42
C TYR A 120 -16.00 1.08 9.01
N ALA A 121 -16.11 2.42 9.11
CA ALA A 121 -17.30 3.15 8.66
C ALA A 121 -18.22 2.57 7.56
N GLN A 122 -17.61 2.11 6.46
CA GLN A 122 -18.27 1.53 5.28
C GLN A 122 -18.88 0.11 5.36
N ARG A 123 -19.57 -0.33 6.43
CA ARG A 123 -20.24 -1.62 6.27
C ARG A 123 -21.78 -1.52 6.45
N ALA A 124 -22.34 -1.27 7.63
CA ALA A 124 -23.79 -1.21 7.76
C ALA A 124 -24.16 -0.20 8.82
N THR A 125 -23.27 0.72 9.23
CA THR A 125 -23.52 1.50 10.44
C THR A 125 -22.68 2.77 10.66
N LYS A 126 -21.95 2.81 11.78
CA LYS A 126 -21.09 3.86 12.23
C LYS A 126 -21.09 5.15 11.46
N VAL A 127 -22.30 5.72 11.52
CA VAL A 127 -22.59 7.00 10.90
C VAL A 127 -21.77 8.12 11.51
N ASN A 128 -20.86 8.26 10.55
CA ASN A 128 -19.83 9.26 10.47
C ASN A 128 -20.26 10.33 9.46
N GLU A 129 -21.59 10.45 9.26
CA GLU A 129 -22.26 11.46 8.44
C GLU A 129 -21.92 12.83 9.04
N MET A 130 -21.69 12.86 10.35
CA MET A 130 -21.25 14.04 11.06
C MET A 130 -19.95 14.59 10.50
N LEU A 131 -19.04 13.77 10.03
CA LEU A 131 -17.84 14.25 9.36
C LEU A 131 -18.25 15.12 8.18
N ILE A 132 -19.19 14.71 7.31
CA ILE A 132 -19.59 15.43 6.10
C ILE A 132 -20.39 16.67 6.48
N GLU A 133 -21.12 16.58 7.61
CA GLU A 133 -22.01 17.62 8.11
C GLU A 133 -21.21 18.87 8.44
N ASP A 134 -20.11 18.79 9.16
CA ASP A 134 -19.26 19.96 9.31
C ASP A 134 -18.71 20.41 7.93
N ALA A 135 -18.63 19.56 6.91
CA ALA A 135 -17.97 19.91 5.67
C ALA A 135 -18.93 20.61 4.80
N LYS A 136 -20.18 20.20 4.57
CA LYS A 136 -21.02 21.03 3.73
C LYS A 136 -21.20 22.32 4.50
N LYS A 137 -21.44 22.26 5.82
CA LYS A 137 -21.56 23.44 6.68
C LYS A 137 -20.43 24.40 6.48
N LEU A 138 -19.17 24.08 6.75
CA LEU A 138 -18.04 25.00 6.50
C LEU A 138 -17.96 25.46 5.04
N LEU A 139 -18.33 24.65 4.04
CA LEU A 139 -18.15 24.99 2.64
C LEU A 139 -19.09 26.06 2.31
N GLN A 140 -20.28 26.03 2.89
CA GLN A 140 -21.26 27.07 2.62
C GLN A 140 -20.84 28.48 3.07
N LEU A 141 -20.25 28.62 4.25
CA LEU A 141 -19.75 29.91 4.67
C LEU A 141 -18.52 30.18 3.83
N MET A 142 -17.72 29.13 3.55
CA MET A 142 -16.50 29.20 2.74
C MET A 142 -16.73 29.89 1.40
N GLY A 143 -17.96 29.67 0.86
CA GLY A 143 -18.46 30.24 -0.38
C GLY A 143 -18.75 29.21 -1.45
N ILE A 144 -18.03 28.10 -1.33
CA ILE A 144 -18.00 26.99 -2.27
C ILE A 144 -19.32 26.36 -2.77
N PRO A 145 -19.40 26.17 -4.10
CA PRO A 145 -20.50 25.45 -4.76
C PRO A 145 -20.61 24.06 -4.16
N ILE A 146 -21.67 23.59 -3.53
CA ILE A 146 -21.59 22.25 -2.99
C ILE A 146 -22.68 21.37 -3.51
N ILE A 147 -22.43 20.79 -4.63
CA ILE A 147 -23.48 19.98 -5.22
C ILE A 147 -23.84 18.77 -4.32
N GLN A 148 -25.08 18.30 -4.15
CA GLN A 148 -25.45 17.11 -3.36
C GLN A 148 -25.82 16.05 -4.38
N ALA A 149 -25.78 14.75 -4.20
CA ALA A 149 -26.07 13.86 -5.32
C ALA A 149 -27.06 12.77 -4.91
N PRO A 150 -27.79 12.05 -5.77
CA PRO A 150 -28.81 11.08 -5.41
C PRO A 150 -28.17 9.85 -4.83
N SER A 151 -27.25 9.22 -5.59
CA SER A 151 -26.52 8.06 -5.12
C SER A 151 -25.03 8.44 -5.00
N GLU A 152 -24.05 7.73 -5.55
CA GLU A 152 -22.71 7.96 -5.06
C GLU A 152 -21.98 9.04 -5.81
N GLY A 153 -21.55 9.96 -4.97
CA GLY A 153 -20.75 11.13 -5.27
C GLY A 153 -19.93 11.06 -6.54
N GLU A 154 -19.21 9.98 -6.75
CA GLU A 154 -18.35 9.93 -7.88
C GLU A 154 -19.24 10.01 -9.14
N ALA A 155 -20.34 9.28 -9.26
CA ALA A 155 -21.22 9.34 -10.44
C ALA A 155 -21.88 10.67 -10.81
N GLN A 156 -22.21 11.55 -9.88
CA GLN A 156 -22.79 12.79 -10.29
C GLN A 156 -21.51 13.46 -10.63
N ALA A 157 -20.36 13.34 -9.91
CA ALA A 157 -19.11 14.02 -10.27
C ALA A 157 -18.77 13.67 -11.70
N ALA A 158 -19.16 12.45 -12.11
CA ALA A 158 -18.93 11.98 -13.46
C ALA A 158 -19.89 12.58 -14.43
N TYR A 159 -21.17 12.42 -14.18
CA TYR A 159 -22.21 13.02 -14.99
C TYR A 159 -21.89 14.49 -15.24
N MET A 160 -21.51 15.31 -14.27
CA MET A 160 -21.24 16.72 -14.51
C MET A 160 -20.18 16.85 -15.58
N ALA A 161 -19.23 15.95 -15.66
CA ALA A 161 -18.26 15.93 -16.72
C ALA A 161 -18.85 15.38 -18.02
N SER A 162 -19.80 14.40 -17.99
CA SER A 162 -20.47 13.83 -19.18
C SER A 162 -21.55 14.76 -19.76
N LYS A 163 -21.45 16.06 -19.45
CA LYS A 163 -22.43 17.05 -19.86
C LYS A 163 -21.81 18.41 -19.53
N GLY A 164 -20.59 18.61 -20.05
CA GLY A 164 -19.90 19.90 -20.09
C GLY A 164 -19.83 20.90 -18.94
N ASP A 165 -20.40 20.55 -17.78
CA ASP A 165 -20.44 21.42 -16.61
C ASP A 165 -19.05 21.63 -15.97
N VAL A 166 -18.07 20.77 -16.16
CA VAL A 166 -16.73 20.92 -15.58
C VAL A 166 -15.77 20.26 -16.53
N TYR A 167 -14.47 20.40 -16.34
CA TYR A 167 -13.50 19.69 -17.17
C TYR A 167 -13.12 18.37 -16.50
N ALA A 168 -13.55 17.96 -15.30
CA ALA A 168 -13.05 16.74 -14.69
C ALA A 168 -13.80 16.33 -13.44
N SER A 169 -13.50 15.14 -12.93
CA SER A 169 -13.93 14.73 -11.62
C SER A 169 -12.64 14.80 -10.82
N ALA A 170 -12.63 14.89 -9.52
CA ALA A 170 -11.37 14.89 -8.83
C ALA A 170 -11.59 13.89 -7.73
N SER A 171 -10.73 12.90 -7.65
CA SER A 171 -10.74 11.95 -6.57
C SER A 171 -9.51 11.14 -6.82
N GLN A 172 -9.17 10.41 -5.78
CA GLN A 172 -7.98 9.59 -5.81
C GLN A 172 -8.43 8.21 -6.26
N ASP A 173 -9.65 8.10 -6.80
CA ASP A 173 -10.23 6.87 -7.18
C ASP A 173 -10.66 7.01 -8.62
N TYR A 174 -10.52 5.82 -9.21
CA TYR A 174 -10.80 5.63 -10.60
C TYR A 174 -12.24 5.12 -10.76
N ASP A 175 -13.17 5.43 -9.84
CA ASP A 175 -14.55 5.01 -9.96
C ASP A 175 -15.36 5.87 -10.90
N SER A 176 -14.96 7.12 -11.10
CA SER A 176 -15.63 7.93 -12.09
C SER A 176 -15.35 7.45 -13.49
N LEU A 177 -14.19 6.87 -13.85
CA LEU A 177 -13.99 6.35 -15.18
C LEU A 177 -15.07 5.29 -15.40
N LEU A 178 -15.42 4.52 -14.39
CA LEU A 178 -16.44 3.51 -14.53
C LEU A 178 -17.80 4.16 -14.75
N PHE A 179 -18.14 5.31 -14.16
CA PHE A 179 -19.38 6.02 -14.47
C PHE A 179 -19.23 6.97 -15.66
N GLY A 180 -18.28 6.73 -16.57
CA GLY A 180 -18.09 7.57 -17.75
C GLY A 180 -17.39 8.92 -17.60
N ALA A 181 -16.60 9.32 -16.58
CA ALA A 181 -15.97 10.64 -16.55
C ALA A 181 -14.95 10.72 -17.65
N PRO A 182 -15.11 11.69 -18.57
CA PRO A 182 -14.18 12.02 -19.65
C PRO A 182 -12.76 12.15 -19.12
N ARG A 183 -12.66 12.95 -18.05
CA ARG A 183 -11.45 13.26 -17.33
C ARG A 183 -11.67 12.92 -15.88
N LEU A 184 -10.56 12.66 -15.20
CA LEU A 184 -10.53 12.39 -13.78
C LEU A 184 -9.16 12.99 -13.52
N ILE A 185 -8.98 14.01 -12.70
CA ILE A 185 -7.64 14.51 -12.44
C ILE A 185 -7.41 14.07 -11.00
N ARG A 186 -6.22 13.50 -10.73
CA ARG A 186 -5.87 12.99 -9.41
C ARG A 186 -4.73 13.85 -8.91
N ASN A 187 -4.54 13.89 -7.59
CA ASN A 187 -3.58 14.66 -6.82
C ASN A 187 -3.88 16.10 -6.40
N LEU A 188 -5.07 16.66 -6.64
CA LEU A 188 -5.39 18.02 -6.18
C LEU A 188 -5.34 18.35 -4.66
N THR A 189 -5.86 17.52 -3.77
CA THR A 189 -5.94 17.82 -2.36
C THR A 189 -4.66 17.48 -1.62
N ILE A 190 -3.73 16.83 -2.32
CA ILE A 190 -2.45 16.52 -1.75
C ILE A 190 -1.33 16.86 -2.73
N THR A 191 -1.49 17.70 -3.77
CA THR A 191 -0.38 18.21 -4.57
C THR A 191 0.59 18.84 -3.55
N GLY A 192 1.92 18.67 -3.66
CA GLY A 192 2.82 19.35 -2.76
C GLY A 192 4.24 19.31 -3.24
N LYS A 193 5.15 19.41 -2.26
CA LYS A 193 6.56 19.39 -2.58
C LYS A 193 6.99 17.92 -2.73
N ARG A 194 6.66 17.45 -3.95
CA ARG A 194 6.92 16.12 -4.52
C ARG A 194 8.39 15.65 -4.51
N LYS A 195 9.10 15.62 -3.37
CA LYS A 195 10.52 15.37 -3.47
C LYS A 195 11.17 14.24 -2.77
N MET A 196 11.52 14.21 -1.48
CA MET A 196 12.35 13.06 -1.08
C MET A 196 11.75 11.86 -0.36
N PRO A 197 10.71 11.97 0.47
CA PRO A 197 10.02 10.83 1.08
C PRO A 197 8.52 10.92 0.88
N GLY A 198 7.71 10.36 1.81
CA GLY A 198 6.24 10.47 1.77
C GLY A 198 5.44 9.92 2.96
N LYS A 199 4.21 9.56 2.57
CA LYS A 199 3.29 8.80 3.38
C LYS A 199 3.53 7.52 2.61
N ASP A 200 2.88 7.37 1.47
CA ASP A 200 3.30 6.40 0.47
C ASP A 200 3.45 7.50 -0.56
N VAL A 201 4.63 7.84 -1.10
CA VAL A 201 4.66 8.97 -2.02
C VAL A 201 4.31 8.52 -3.40
N TYR A 202 3.36 9.23 -4.01
CA TYR A 202 3.08 9.03 -5.43
C TYR A 202 4.00 10.11 -5.96
N VAL A 203 5.28 9.72 -6.22
CA VAL A 203 6.45 10.61 -6.44
C VAL A 203 6.19 11.95 -7.10
N GLU A 204 5.39 11.97 -8.15
CA GLU A 204 5.03 13.24 -8.71
C GLU A 204 3.75 13.49 -7.90
N ILE A 205 3.87 14.07 -6.68
CA ILE A 205 2.65 14.55 -6.02
C ILE A 205 2.73 16.01 -6.46
N LYS A 206 2.22 15.94 -7.71
CA LYS A 206 2.03 16.88 -8.83
C LYS A 206 0.78 16.26 -9.56
N PRO A 207 -0.30 16.96 -9.89
CA PRO A 207 -1.48 16.36 -10.48
C PRO A 207 -1.22 15.57 -11.79
N GLU A 208 -2.05 14.54 -11.86
CA GLU A 208 -2.06 13.53 -12.88
C GLU A 208 -3.36 13.72 -13.64
N LEU A 209 -3.37 13.65 -14.98
CA LEU A 209 -4.63 13.65 -15.70
C LEU A 209 -5.05 12.33 -16.30
N VAL A 210 -6.04 11.62 -15.77
CA VAL A 210 -6.44 10.36 -16.36
C VAL A 210 -7.45 10.79 -17.42
N VAL A 211 -7.48 10.26 -18.67
CA VAL A 211 -8.51 10.61 -19.71
C VAL A 211 -9.29 9.37 -20.14
N LEU A 212 -10.62 9.23 -19.99
CA LEU A 212 -11.30 7.99 -20.37
C LEU A 212 -11.08 7.57 -21.80
N ASP A 213 -10.76 8.51 -22.71
CA ASP A 213 -10.34 8.15 -24.07
C ASP A 213 -9.06 7.23 -24.01
N GLU A 214 -7.93 7.70 -23.45
CA GLU A 214 -6.68 6.95 -23.49
C GLU A 214 -6.84 5.73 -22.63
N VAL A 215 -7.64 5.76 -21.58
CA VAL A 215 -7.73 4.56 -20.79
C VAL A 215 -8.47 3.59 -21.66
N LEU A 216 -9.42 4.01 -22.49
CA LEU A 216 -10.11 3.04 -23.28
C LEU A 216 -9.35 2.66 -24.50
N LYS A 217 -8.54 3.46 -25.16
CA LYS A 217 -7.85 2.96 -26.36
C LYS A 217 -6.61 2.12 -26.07
N GLU A 218 -5.75 2.42 -25.05
CA GLU A 218 -4.50 1.69 -24.79
C GLU A 218 -4.63 0.33 -24.11
N LEU A 219 -5.85 -0.13 -23.88
CA LEU A 219 -6.19 -1.36 -23.14
C LEU A 219 -7.40 -2.04 -23.82
N LYS A 220 -7.74 -1.50 -25.01
CA LYS A 220 -8.76 -1.93 -25.98
C LYS A 220 -9.88 -2.83 -25.50
N ILE A 221 -10.74 -2.20 -24.71
CA ILE A 221 -11.92 -2.82 -24.14
C ILE A 221 -13.03 -1.80 -24.30
N THR A 222 -14.33 -2.09 -24.38
CA THR A 222 -15.28 -0.99 -24.54
C THR A 222 -15.83 -0.57 -23.16
N ARG A 223 -16.01 0.71 -22.78
CA ARG A 223 -16.45 1.13 -21.46
C ARG A 223 -17.27 0.17 -20.58
N GLU A 224 -18.34 -0.54 -21.01
CA GLU A 224 -19.06 -1.41 -20.07
C GLU A 224 -18.35 -2.70 -19.84
N LYS A 225 -17.35 -3.03 -20.63
CA LYS A 225 -16.41 -4.09 -20.29
C LYS A 225 -15.39 -3.61 -19.24
N LEU A 226 -14.98 -2.31 -19.26
CA LEU A 226 -14.13 -1.64 -18.26
C LEU A 226 -14.83 -1.77 -16.92
N ILE A 227 -16.17 -1.72 -16.92
CA ILE A 227 -16.94 -2.02 -15.71
C ILE A 227 -16.77 -3.48 -15.39
N GLU A 228 -16.83 -4.35 -16.37
CA GLU A 228 -16.83 -5.76 -16.02
C GLU A 228 -15.57 -6.26 -15.32
N LEU A 229 -14.47 -5.75 -15.85
CA LEU A 229 -13.16 -6.04 -15.32
C LEU A 229 -13.18 -5.59 -13.87
N ALA A 230 -13.40 -4.28 -13.66
CA ALA A 230 -13.46 -3.74 -12.34
C ALA A 230 -14.42 -4.49 -11.44
N ILE A 231 -15.54 -5.12 -11.85
CA ILE A 231 -16.41 -5.90 -10.94
C ILE A 231 -15.79 -7.21 -10.40
N LEU A 232 -15.09 -7.86 -11.34
CA LEU A 232 -14.40 -9.13 -11.14
C LEU A 232 -13.24 -8.88 -10.17
N VAL A 233 -12.37 -7.88 -10.37
CA VAL A 233 -11.30 -7.45 -9.48
C VAL A 233 -11.92 -7.04 -8.16
N GLY A 234 -12.96 -6.23 -8.12
CA GLY A 234 -13.66 -5.93 -6.87
C GLY A 234 -13.88 -4.43 -6.77
N THR A 235 -15.11 -4.06 -6.41
CA THR A 235 -15.47 -2.67 -6.18
C THR A 235 -15.81 -2.55 -4.69
N ASP A 236 -16.16 -1.34 -4.16
CA ASP A 236 -16.62 -1.18 -2.79
C ASP A 236 -18.02 -1.78 -2.65
N TYR A 237 -18.65 -2.24 -3.75
CA TYR A 237 -19.94 -2.94 -3.61
C TYR A 237 -19.86 -4.48 -3.57
N ASN A 238 -18.61 -4.99 -3.70
CA ASN A 238 -18.16 -6.37 -3.43
C ASN A 238 -16.60 -6.38 -3.16
N PRO A 239 -16.08 -6.06 -1.92
CA PRO A 239 -14.68 -5.71 -1.56
C PRO A 239 -13.52 -6.71 -1.74
N GLY A 240 -13.64 -7.67 -2.65
CA GLY A 240 -12.58 -8.62 -2.93
C GLY A 240 -12.64 -9.13 -4.37
N GLY A 241 -13.79 -9.02 -5.04
CA GLY A 241 -13.93 -9.51 -6.39
C GLY A 241 -14.15 -10.99 -6.43
N VAL A 242 -14.08 -11.64 -7.59
CA VAL A 242 -14.31 -13.06 -7.69
C VAL A 242 -12.98 -13.59 -7.26
N LYS A 243 -13.09 -14.41 -6.23
CA LYS A 243 -11.96 -15.13 -5.65
C LYS A 243 -10.86 -15.38 -6.68
N GLY A 244 -9.67 -14.85 -6.44
CA GLY A 244 -8.57 -15.17 -7.31
C GLY A 244 -8.43 -14.35 -8.59
N ILE A 245 -9.30 -13.48 -9.07
CA ILE A 245 -8.90 -12.80 -10.30
C ILE A 245 -8.23 -11.50 -9.88
N GLY A 246 -7.28 -11.01 -10.67
CA GLY A 246 -6.51 -9.77 -10.41
C GLY A 246 -6.62 -8.84 -11.63
N PRO A 247 -6.18 -7.54 -11.78
CA PRO A 247 -6.43 -6.66 -12.91
C PRO A 247 -6.28 -7.36 -14.21
N LYS A 248 -5.08 -7.80 -14.64
CA LYS A 248 -4.87 -8.32 -15.99
C LYS A 248 -5.59 -9.61 -16.27
N LYS A 249 -5.86 -10.55 -15.37
CA LYS A 249 -6.63 -11.74 -15.76
C LYS A 249 -8.05 -11.27 -16.06
N ALA A 250 -8.57 -10.35 -15.26
CA ALA A 250 -9.86 -9.81 -15.53
C ALA A 250 -9.70 -9.15 -16.89
N LEU A 251 -8.61 -8.44 -17.23
CA LEU A 251 -8.45 -7.79 -18.53
C LEU A 251 -8.74 -8.73 -19.65
N GLU A 252 -8.59 -10.04 -19.51
CA GLU A 252 -8.92 -10.95 -20.59
C GLU A 252 -10.32 -11.48 -20.60
N ILE A 253 -10.73 -11.94 -19.42
CA ILE A 253 -12.02 -12.61 -19.29
C ILE A 253 -13.14 -11.76 -19.88
N VAL A 254 -12.91 -10.49 -19.60
CA VAL A 254 -13.75 -9.43 -20.08
C VAL A 254 -13.43 -9.39 -21.54
N ARG A 255 -12.21 -8.91 -21.83
CA ARG A 255 -11.65 -8.67 -23.16
C ARG A 255 -12.28 -9.48 -24.28
N TYR A 256 -12.33 -10.80 -24.16
CA TYR A 256 -12.92 -11.48 -25.28
C TYR A 256 -14.25 -12.09 -24.97
N SER A 257 -14.39 -12.97 -23.99
CA SER A 257 -15.65 -13.64 -23.81
C SER A 257 -16.83 -12.68 -23.63
N ARG A 258 -17.71 -12.66 -24.66
CA ARG A 258 -18.93 -11.87 -24.55
C ARG A 258 -19.70 -12.43 -23.37
N ASP A 259 -20.03 -11.40 -22.59
CA ASP A 259 -20.68 -11.53 -21.33
C ASP A 259 -19.86 -12.39 -20.36
N PRO A 260 -18.89 -11.81 -19.63
CA PRO A 260 -18.04 -12.53 -18.69
C PRO A 260 -18.53 -12.71 -17.27
N LEU A 261 -19.33 -11.81 -16.70
CA LEU A 261 -19.86 -12.00 -15.35
C LEU A 261 -20.45 -13.38 -15.21
N ALA A 262 -21.09 -13.75 -16.32
CA ALA A 262 -21.81 -14.98 -16.47
C ALA A 262 -21.27 -16.17 -15.75
N LYS A 263 -20.00 -16.53 -16.02
CA LYS A 263 -19.37 -17.71 -15.42
C LYS A 263 -19.26 -17.76 -13.87
N PHE A 264 -19.33 -16.59 -13.21
CA PHE A 264 -19.18 -16.48 -11.76
C PHE A 264 -20.54 -16.38 -11.11
N GLN A 265 -20.90 -15.40 -10.28
CA GLN A 265 -22.15 -15.27 -9.52
C GLN A 265 -22.55 -16.47 -8.70
N ARG A 266 -22.75 -17.66 -9.31
CA ARG A 266 -22.86 -18.92 -8.59
C ARG A 266 -21.54 -19.00 -7.82
N GLN A 267 -20.38 -18.92 -8.52
CA GLN A 267 -19.03 -18.84 -7.91
C GLN A 267 -19.16 -17.53 -7.15
N SER A 268 -19.31 -17.89 -5.90
CA SER A 268 -19.82 -17.03 -4.89
C SER A 268 -19.57 -15.56 -4.77
N ASP A 269 -20.65 -14.79 -5.03
CA ASP A 269 -20.69 -13.43 -4.52
C ASP A 269 -22.09 -12.82 -4.47
N VAL A 270 -22.12 -11.49 -4.42
CA VAL A 270 -23.31 -10.65 -4.43
C VAL A 270 -23.81 -10.75 -5.89
N ASP A 271 -25.05 -10.48 -6.33
CA ASP A 271 -25.33 -10.75 -7.74
C ASP A 271 -24.88 -9.69 -8.72
N LEU A 272 -23.64 -9.98 -9.09
CA LEU A 272 -22.75 -9.22 -9.96
C LEU A 272 -23.43 -8.42 -11.05
N TYR A 273 -24.60 -8.82 -11.55
CA TYR A 273 -25.31 -8.06 -12.55
C TYR A 273 -25.87 -6.82 -11.93
N ALA A 274 -26.48 -6.92 -10.75
CA ALA A 274 -26.99 -5.73 -10.04
C ALA A 274 -26.04 -4.54 -10.01
N ILE A 275 -24.78 -4.83 -9.67
CA ILE A 275 -23.76 -3.78 -9.54
C ILE A 275 -23.40 -3.07 -10.85
N LYS A 276 -23.39 -3.83 -11.93
CA LYS A 276 -22.93 -3.34 -13.21
C LYS A 276 -23.88 -2.27 -13.62
N GLU A 277 -25.15 -2.68 -13.49
CA GLU A 277 -26.32 -1.90 -13.90
C GLU A 277 -26.23 -0.52 -13.31
N PHE A 278 -25.77 -0.58 -12.10
CA PHE A 278 -25.56 0.60 -11.35
C PHE A 278 -24.44 1.41 -11.97
N PHE A 279 -23.27 0.86 -12.20
CA PHE A 279 -22.24 1.66 -12.82
C PHE A 279 -22.59 2.10 -14.26
N LEU A 280 -23.54 1.48 -14.95
CA LEU A 280 -23.97 1.93 -16.28
C LEU A 280 -24.92 3.11 -16.25
N ASN A 281 -25.89 2.94 -15.35
CA ASN A 281 -27.07 3.77 -15.11
C ASN A 281 -27.15 4.53 -13.79
N PRO A 282 -26.16 5.29 -13.30
CA PRO A 282 -26.16 5.71 -11.94
C PRO A 282 -27.28 6.73 -11.72
N PRO A 283 -28.08 6.65 -10.67
CA PRO A 283 -28.81 7.80 -10.13
C PRO A 283 -28.11 9.16 -10.08
N VAL A 284 -28.55 10.08 -10.94
CA VAL A 284 -27.91 11.38 -11.12
C VAL A 284 -28.75 12.66 -11.08
N THR A 285 -28.38 13.67 -10.28
CA THR A 285 -29.19 14.87 -10.20
C THR A 285 -28.62 15.85 -11.15
N ASN A 286 -29.63 16.44 -11.73
CA ASN A 286 -29.41 17.49 -12.69
C ASN A 286 -29.66 18.92 -12.14
N GLU A 287 -30.14 18.97 -10.87
CA GLU A 287 -30.55 20.15 -10.14
C GLU A 287 -29.49 20.40 -9.11
N TYR A 288 -28.84 21.48 -9.47
CA TYR A 288 -27.73 22.04 -8.72
C TYR A 288 -27.45 23.38 -9.41
N SER A 289 -26.99 24.43 -8.74
CA SER A 289 -26.59 25.68 -9.41
C SER A 289 -25.15 25.69 -9.05
N LEU A 290 -24.19 26.04 -9.91
CA LEU A 290 -22.82 26.10 -9.39
C LEU A 290 -22.44 27.42 -8.68
N SER A 291 -21.72 28.52 -9.03
CA SER A 291 -21.42 29.52 -7.98
C SER A 291 -22.53 30.48 -7.52
N TRP A 292 -22.78 30.82 -6.20
CA TRP A 292 -23.61 31.96 -5.70
C TRP A 292 -23.75 32.41 -4.22
N LYS A 293 -22.68 33.11 -3.83
CA LYS A 293 -22.48 33.97 -2.66
C LYS A 293 -21.02 34.04 -2.12
N GLU A 294 -20.70 34.34 -0.82
CA GLU A 294 -19.35 34.73 -0.40
C GLU A 294 -19.13 34.60 1.09
N PRO A 295 -17.97 34.77 1.77
CA PRO A 295 -17.71 34.18 3.05
C PRO A 295 -18.15 35.00 4.26
N ASP A 296 -18.95 34.36 5.09
CA ASP A 296 -19.51 34.96 6.30
C ASP A 296 -18.40 34.97 7.36
N GLU A 297 -17.28 35.71 7.25
CA GLU A 297 -16.17 35.60 8.20
C GLU A 297 -16.55 35.46 9.66
N GLU A 298 -17.42 36.25 10.32
CA GLU A 298 -17.68 36.08 11.77
C GLU A 298 -18.25 34.68 11.98
N GLY A 299 -19.18 34.33 11.06
CA GLY A 299 -19.83 33.03 11.04
C GLY A 299 -18.76 31.96 10.96
N ILE A 300 -17.65 32.28 10.24
CA ILE A 300 -16.51 31.41 10.13
C ILE A 300 -15.76 31.60 11.43
N LEU A 301 -15.12 32.68 11.89
CA LEU A 301 -14.32 32.68 13.11
C LEU A 301 -15.04 32.04 14.27
N LYS A 302 -16.37 32.05 14.29
CA LYS A 302 -17.12 31.36 15.32
C LYS A 302 -16.90 29.87 15.14
N PHE A 303 -17.30 29.20 14.03
CA PHE A 303 -17.16 27.76 13.78
C PHE A 303 -15.73 27.25 13.84
N LEU A 304 -14.80 27.96 13.21
CA LEU A 304 -13.42 27.51 13.27
C LEU A 304 -12.71 27.91 14.57
N CYS A 305 -12.78 29.11 15.20
CA CYS A 305 -12.17 29.40 16.53
C CYS A 305 -13.11 29.30 17.73
N ASP A 306 -14.25 30.01 17.86
CA ASP A 306 -15.11 29.92 19.06
C ASP A 306 -15.85 28.56 19.19
N GLU A 307 -15.52 27.62 18.31
CA GLU A 307 -16.19 26.34 18.24
C GLU A 307 -15.26 25.17 18.02
N HIS A 308 -14.15 25.44 17.31
CA HIS A 308 -13.18 24.41 16.99
C HIS A 308 -11.75 24.85 17.22
N ASN A 309 -11.53 25.87 18.04
CA ASN A 309 -10.22 26.44 18.32
C ASN A 309 -9.06 26.42 17.31
N PHE A 310 -9.50 26.85 16.14
CA PHE A 310 -8.61 27.16 15.07
C PHE A 310 -8.00 28.46 15.48
N SER A 311 -6.75 28.76 15.08
CA SER A 311 -6.20 30.04 15.50
C SER A 311 -6.89 31.12 14.66
N GLU A 312 -7.64 31.94 15.44
CA GLU A 312 -8.46 33.10 15.02
C GLU A 312 -7.66 33.86 13.97
N GLU A 313 -6.43 34.09 14.45
CA GLU A 313 -5.34 34.69 13.73
C GLU A 313 -5.27 34.21 12.28
N ARG A 314 -4.82 32.98 11.96
CA ARG A 314 -4.63 32.58 10.57
C ARG A 314 -5.96 32.56 9.81
N VAL A 315 -7.09 32.11 10.37
CA VAL A 315 -8.27 32.07 9.53
C VAL A 315 -8.88 33.44 9.25
N LYS A 316 -8.48 34.52 9.97
CA LYS A 316 -8.86 35.90 9.69
C LYS A 316 -8.06 36.22 8.42
N ASN A 317 -6.76 35.95 8.55
CA ASN A 317 -5.83 36.24 7.48
C ASN A 317 -5.68 35.07 6.52
N GLY A 318 -6.78 34.30 6.51
CA GLY A 318 -6.99 33.11 5.70
C GLY A 318 -8.23 33.31 4.83
N ILE A 319 -9.38 33.77 5.40
CA ILE A 319 -10.59 34.09 4.62
C ILE A 319 -10.22 35.12 3.61
N GLU A 320 -9.43 36.04 4.13
CA GLU A 320 -8.73 36.99 3.32
C GLU A 320 -8.22 36.39 1.99
N ARG A 321 -7.40 35.32 2.04
CA ARG A 321 -6.81 34.82 0.84
C ARG A 321 -7.91 34.32 -0.08
N LEU A 322 -8.98 33.71 0.42
CA LEU A 322 -9.99 33.25 -0.54
C LEU A 322 -10.74 34.46 -1.01
N LYS A 323 -10.94 35.57 -0.28
CA LYS A 323 -11.65 36.75 -0.76
C LYS A 323 -10.85 37.31 -1.96
N LYS A 324 -9.51 37.32 -1.85
CA LYS A 324 -8.58 37.63 -2.94
C LYS A 324 -9.01 36.81 -4.15
N ALA A 325 -9.13 35.51 -3.87
CA ALA A 325 -9.48 34.47 -4.82
C ALA A 325 -10.89 34.37 -5.39
N ILE A 326 -11.98 34.49 -4.65
CA ILE A 326 -13.34 34.35 -5.15
C ILE A 326 -13.70 35.62 -5.88
N LYS A 327 -13.64 36.75 -5.17
CA LYS A 327 -14.28 37.96 -5.67
C LYS A 327 -13.64 38.54 -6.94
N ALA A 328 -12.35 38.13 -7.19
CA ALA A 328 -11.53 38.65 -8.31
C ALA A 328 -11.48 38.00 -9.71
N GLY A 329 -12.16 36.89 -10.10
CA GLY A 329 -12.07 36.42 -11.48
C GLY A 329 -12.69 37.41 -12.50
N ARG A 330 -11.98 38.51 -12.85
CA ARG A 330 -12.36 39.69 -13.70
C ARG A 330 -13.80 40.23 -13.97
N GLN A 331 -14.66 39.40 -14.58
CA GLN A 331 -16.00 39.65 -15.14
C GLN A 331 -15.72 38.74 -16.35
N SER A 332 -15.20 39.26 -17.50
CA SER A 332 -14.63 38.48 -18.59
C SER A 332 -14.22 39.24 -19.87
N GLY B 2 6.94 -6.57 7.92
CA GLY B 2 6.95 -6.10 9.30
C GLY B 2 7.80 -4.87 9.45
N VAL B 3 7.51 -4.21 10.56
CA VAL B 3 8.16 -2.98 10.92
C VAL B 3 7.77 -1.95 9.83
N PRO B 4 6.57 -1.36 9.90
CA PRO B 4 6.05 -0.26 9.09
C PRO B 4 6.83 0.99 9.20
N ILE B 5 8.06 1.06 9.71
CA ILE B 5 8.68 2.34 9.96
C ILE B 5 9.47 2.82 8.77
N GLY B 6 8.89 2.72 7.60
CA GLY B 6 9.57 3.07 6.39
C GLY B 6 9.90 4.52 6.39
N ASP B 7 8.89 5.37 6.53
CA ASP B 7 9.04 6.79 6.35
C ASP B 7 10.06 7.38 7.30
N LEU B 8 10.35 6.77 8.45
CA LEU B 8 11.37 7.40 9.26
C LEU B 8 12.74 7.09 8.74
N VAL B 9 13.02 5.85 8.42
CA VAL B 9 14.38 5.42 8.23
C VAL B 9 15.05 5.89 6.93
N PRO B 10 15.91 6.92 6.89
CA PRO B 10 16.56 7.47 5.68
C PRO B 10 17.49 6.52 4.97
N ARG B 11 17.50 6.67 3.64
CA ARG B 11 18.23 5.79 2.72
C ARG B 11 18.83 6.48 1.51
N LYS B 12 20.11 6.21 1.20
CA LYS B 12 20.80 6.77 0.04
C LYS B 12 20.48 5.81 -1.09
N GLU B 13 20.52 6.24 -2.35
CA GLU B 13 20.17 5.44 -3.55
C GLU B 13 21.43 5.02 -4.31
N ILE B 14 21.98 3.85 -4.05
CA ILE B 14 23.21 3.57 -4.75
C ILE B 14 22.91 3.00 -6.14
N ASP B 15 23.87 2.39 -6.80
CA ASP B 15 23.66 1.86 -8.13
C ASP B 15 24.16 0.45 -8.02
N LEU B 16 23.49 -0.54 -8.60
CA LEU B 16 23.91 -1.95 -8.49
C LEU B 16 25.39 -2.20 -8.79
N GLU B 17 25.86 -1.33 -9.68
CA GLU B 17 27.20 -1.28 -10.20
C GLU B 17 28.25 -0.94 -9.11
N ASN B 18 27.83 -0.38 -7.95
CA ASN B 18 28.71 -0.03 -6.82
C ASN B 18 28.66 -1.15 -5.77
N LEU B 19 28.05 -2.27 -6.16
CA LEU B 19 28.01 -3.43 -5.31
C LEU B 19 28.89 -4.55 -5.84
N TYR B 20 29.70 -4.45 -6.92
CA TYR B 20 30.47 -5.60 -7.31
C TYR B 20 31.71 -5.80 -6.54
N GLY B 21 31.70 -7.05 -6.17
CA GLY B 21 32.68 -7.64 -5.33
C GLY B 21 32.03 -7.76 -3.96
N LYS B 22 30.89 -7.11 -3.75
CA LYS B 22 30.29 -7.19 -2.43
C LYS B 22 29.46 -8.46 -2.11
N LYS B 23 29.86 -9.16 -1.05
CA LYS B 23 28.99 -10.20 -0.52
C LYS B 23 27.80 -9.44 0.04
N ILE B 24 26.61 -10.05 0.12
CA ILE B 24 25.42 -9.45 0.69
C ILE B 24 24.59 -10.64 1.22
N ALA B 25 24.20 -10.83 2.46
CA ALA B 25 23.45 -11.99 2.89
C ALA B 25 21.99 -11.79 2.50
N ILE B 26 21.40 -12.31 1.44
CA ILE B 26 20.01 -12.02 1.14
C ILE B 26 19.11 -12.83 2.08
N ASP B 27 18.17 -12.30 2.83
CA ASP B 27 17.29 -13.12 3.67
C ASP B 27 16.48 -13.83 2.61
N ALA B 28 16.46 -15.18 2.59
CA ALA B 28 15.77 -16.00 1.55
C ALA B 28 14.26 -15.93 1.55
N LEU B 29 13.54 -16.12 2.67
CA LEU B 29 12.08 -16.04 2.61
C LEU B 29 11.61 -14.67 2.19
N ASN B 30 12.27 -13.53 2.38
CA ASN B 30 11.68 -12.35 1.84
C ASN B 30 12.03 -12.33 0.38
N ALA B 31 13.05 -12.95 -0.13
CA ALA B 31 13.23 -12.90 -1.55
C ALA B 31 12.23 -13.87 -2.13
N ILE B 32 11.90 -15.00 -1.47
CA ILE B 32 10.93 -15.95 -2.00
C ILE B 32 9.68 -15.12 -2.16
N TYR B 33 9.18 -14.44 -1.11
CA TYR B 33 7.98 -13.66 -1.30
C TYR B 33 8.04 -12.48 -2.28
N GLN B 34 9.10 -11.69 -2.40
CA GLN B 34 9.05 -10.65 -3.41
C GLN B 34 9.11 -11.27 -4.81
N PHE B 35 9.74 -12.45 -5.04
CA PHE B 35 9.70 -13.01 -6.40
C PHE B 35 8.29 -13.50 -6.67
N LEU B 36 7.63 -14.25 -5.73
CA LEU B 36 6.27 -14.79 -5.89
C LEU B 36 5.31 -13.64 -6.10
N SER B 37 5.77 -12.40 -5.93
CA SER B 37 5.02 -11.20 -6.18
C SER B 37 5.19 -10.61 -7.57
N THR B 38 6.41 -10.51 -8.07
CA THR B 38 6.68 -9.82 -9.32
C THR B 38 6.89 -10.70 -10.48
N ILE B 39 7.09 -11.98 -10.26
CA ILE B 39 7.39 -12.91 -11.32
C ILE B 39 6.03 -13.43 -11.80
N ARG B 40 5.31 -12.59 -12.52
CA ARG B 40 3.97 -12.95 -13.02
C ARG B 40 4.02 -13.47 -14.45
N GLN B 41 3.05 -14.26 -14.90
CA GLN B 41 2.93 -14.57 -16.32
C GLN B 41 2.27 -13.34 -16.93
N GLU B 42 2.41 -12.99 -18.19
CA GLU B 42 1.78 -11.80 -18.78
C GLU B 42 0.30 -11.74 -18.55
N ASP B 43 -0.42 -12.88 -18.61
CA ASP B 43 -1.86 -12.77 -18.49
C ASP B 43 -2.19 -12.22 -17.12
N GLY B 44 -1.46 -12.57 -16.06
CA GLY B 44 -1.73 -12.09 -14.72
C GLY B 44 -1.24 -13.13 -13.74
N THR B 45 -1.73 -14.35 -13.96
CA THR B 45 -1.46 -15.58 -13.22
C THR B 45 0.03 -15.89 -12.84
N PRO B 46 0.38 -16.60 -11.77
CA PRO B 46 1.77 -16.84 -11.37
C PRO B 46 2.42 -17.89 -12.24
N LEU B 47 3.70 -17.82 -12.63
CA LEU B 47 4.30 -18.85 -13.45
C LEU B 47 4.16 -20.16 -12.71
N MET B 48 3.58 -21.14 -13.40
CA MET B 48 3.29 -22.45 -12.85
C MET B 48 3.88 -23.59 -13.63
N ASP B 49 4.33 -24.60 -12.87
CA ASP B 49 4.87 -25.84 -13.38
C ASP B 49 3.69 -26.63 -13.91
N SER B 50 3.84 -27.55 -14.85
CA SER B 50 2.67 -28.21 -15.39
C SER B 50 1.73 -28.91 -14.42
N LYS B 51 2.11 -29.33 -13.21
CA LYS B 51 1.15 -29.97 -12.30
C LYS B 51 0.41 -28.97 -11.39
N GLY B 52 0.35 -27.68 -11.81
CA GLY B 52 -0.41 -26.69 -11.08
C GLY B 52 0.37 -25.85 -10.05
N ARG B 53 1.45 -26.42 -9.46
CA ARG B 53 2.30 -25.76 -8.44
C ARG B 53 3.02 -24.54 -8.96
N ILE B 54 3.37 -23.64 -8.08
CA ILE B 54 3.94 -22.41 -8.54
C ILE B 54 5.45 -22.48 -8.53
N THR B 55 6.04 -21.75 -9.46
CA THR B 55 7.46 -21.74 -9.61
C THR B 55 7.99 -20.34 -9.85
N SER B 56 7.25 -19.29 -9.55
CA SER B 56 7.75 -17.94 -9.71
C SER B 56 8.96 -17.86 -8.83
N HIS B 57 8.82 -18.40 -7.60
CA HIS B 57 9.88 -18.46 -6.59
C HIS B 57 11.14 -19.15 -7.05
N LEU B 58 10.97 -20.18 -7.88
CA LEU B 58 12.07 -20.90 -8.52
C LEU B 58 12.63 -19.98 -9.63
N SER B 59 11.88 -19.38 -10.59
CA SER B 59 12.47 -18.58 -11.64
C SER B 59 13.25 -17.42 -11.10
N GLY B 60 12.60 -16.61 -10.25
CA GLY B 60 13.26 -15.47 -9.62
C GLY B 60 14.53 -15.92 -8.88
N LEU B 61 14.42 -16.83 -7.89
CA LEU B 61 15.55 -17.38 -7.16
C LEU B 61 16.71 -17.79 -8.06
N PHE B 62 16.37 -18.27 -9.23
CA PHE B 62 17.33 -18.69 -10.19
C PHE B 62 17.86 -17.48 -10.93
N TYR B 63 17.16 -17.02 -11.97
CA TYR B 63 17.67 -15.99 -12.84
C TYR B 63 18.10 -14.69 -12.18
N ARG B 64 17.56 -14.36 -11.00
CA ARG B 64 18.01 -13.16 -10.34
C ARG B 64 19.43 -13.42 -9.85
N THR B 65 19.73 -14.48 -9.08
CA THR B 65 21.07 -14.67 -8.52
C THR B 65 22.20 -14.86 -9.53
N ILE B 66 21.86 -15.18 -10.77
CA ILE B 66 22.82 -15.24 -11.84
C ILE B 66 22.84 -13.81 -12.34
N ASN B 67 21.70 -13.17 -12.69
CA ASN B 67 21.68 -11.77 -13.08
C ASN B 67 22.22 -10.83 -12.01
N LEU B 68 22.53 -11.30 -10.81
CA LEU B 68 23.12 -10.55 -9.72
C LEU B 68 24.62 -10.69 -9.84
N MET B 69 25.05 -11.88 -10.26
CA MET B 69 26.45 -12.22 -10.37
C MET B 69 27.00 -11.64 -11.65
N GLU B 70 26.18 -11.33 -12.64
CA GLU B 70 26.75 -10.70 -13.83
C GLU B 70 27.30 -9.28 -13.49
N ALA B 71 26.74 -8.64 -12.43
CA ALA B 71 27.22 -7.32 -11.95
C ALA B 71 28.40 -7.52 -11.00
N GLY B 72 28.38 -8.71 -10.42
CA GLY B 72 29.44 -9.15 -9.58
C GLY B 72 29.08 -9.08 -8.12
N ILE B 73 27.87 -9.23 -7.56
CA ILE B 73 27.84 -9.18 -6.09
C ILE B 73 27.94 -10.64 -5.59
N LYS B 74 28.48 -11.09 -4.44
CA LYS B 74 28.43 -12.51 -4.18
C LYS B 74 27.54 -12.81 -3.00
N PRO B 75 26.34 -13.29 -3.23
CA PRO B 75 25.29 -13.43 -2.25
C PRO B 75 25.07 -14.76 -1.60
N ALA B 76 24.70 -14.81 -0.34
CA ALA B 76 24.44 -16.07 0.34
C ALA B 76 23.05 -16.00 0.94
N TYR B 77 22.20 -17.03 0.99
CA TYR B 77 20.82 -16.86 1.41
C TYR B 77 20.48 -17.46 2.73
N VAL B 78 20.49 -16.58 3.72
CA VAL B 78 20.07 -16.92 5.06
C VAL B 78 18.67 -17.48 5.04
N PHE B 79 18.44 -18.65 5.64
CA PHE B 79 17.16 -19.30 5.80
C PHE B 79 16.84 -19.27 7.25
N ASP B 80 15.52 -19.18 7.37
CA ASP B 80 14.87 -19.20 8.67
C ASP B 80 15.12 -20.59 9.24
N GLY B 81 15.01 -20.55 10.58
CA GLY B 81 15.06 -21.71 11.43
C GLY B 81 13.67 -21.93 11.95
N LYS B 82 13.52 -21.86 13.27
CA LYS B 82 12.20 -21.99 13.86
C LYS B 82 11.64 -20.57 14.07
N PRO B 83 10.35 -20.37 14.34
CA PRO B 83 9.87 -19.30 15.19
C PRO B 83 10.54 -19.00 16.55
N PRO B 84 10.34 -17.79 17.10
CA PRO B 84 9.61 -17.52 18.36
C PRO B 84 8.09 -17.57 18.64
N GLU B 85 7.24 -17.04 17.73
CA GLU B 85 5.78 -16.89 17.81
C GLU B 85 5.19 -16.89 19.21
N PHE B 86 5.01 -15.64 19.69
CA PHE B 86 4.43 -15.36 21.01
C PHE B 86 2.92 -15.13 20.83
N LYS B 87 2.53 -14.87 19.56
CA LYS B 87 1.21 -14.41 19.16
C LYS B 87 -0.06 -15.30 18.99
N ARG B 88 -1.16 -14.54 19.21
CA ARG B 88 -2.57 -14.95 19.20
C ARG B 88 -3.06 -16.00 20.22
N LYS B 89 -2.11 -16.49 21.03
CA LYS B 89 -2.36 -17.34 22.15
C LYS B 89 -2.73 -18.73 21.68
N GLU B 90 -1.61 -19.40 21.56
CA GLU B 90 -1.63 -20.81 21.25
C GLU B 90 -2.31 -21.59 22.41
N LEU B 91 -3.30 -22.41 22.02
CA LEU B 91 -4.17 -23.30 22.83
C LEU B 91 -5.43 -23.09 22.02
N GLU B 92 -5.77 -21.79 21.97
CA GLU B 92 -6.81 -21.28 21.12
C GLU B 92 -5.98 -20.70 19.97
N LYS B 93 -5.89 -19.39 19.66
CA LYS B 93 -5.34 -19.02 18.36
C LYS B 93 -3.85 -19.17 18.05
N ARG B 94 -3.79 -19.64 16.81
CA ARG B 94 -2.60 -19.90 16.04
C ARG B 94 -1.79 -21.16 16.35
N ARG B 95 -2.30 -22.19 17.03
CA ARG B 95 -1.51 -23.42 17.08
C ARG B 95 -1.64 -24.09 15.70
N GLU B 96 -0.49 -24.43 15.12
CA GLU B 96 -0.33 -25.05 13.80
C GLU B 96 -0.96 -26.41 13.52
N ALA B 97 -1.99 -26.85 14.24
CA ALA B 97 -2.53 -28.19 14.04
C ALA B 97 -3.28 -28.43 12.74
N ARG B 98 -4.62 -28.32 12.70
CA ARG B 98 -5.39 -28.55 11.48
C ARG B 98 -5.38 -27.32 10.61
N GLU B 99 -4.19 -26.99 10.11
CA GLU B 99 -4.02 -25.92 9.17
C GLU B 99 -4.91 -26.40 8.04
N GLU B 100 -5.90 -25.56 7.69
CA GLU B 100 -6.74 -25.81 6.50
C GLU B 100 -5.68 -26.04 5.41
N ALA B 101 -5.80 -27.06 4.54
CA ALA B 101 -4.87 -27.12 3.41
C ALA B 101 -5.16 -25.73 2.76
N GLU B 102 -4.20 -24.76 2.87
CA GLU B 102 -4.51 -23.37 2.57
C GLU B 102 -4.59 -22.99 1.11
N LEU B 103 -5.86 -23.07 0.78
CA LEU B 103 -6.33 -22.69 -0.51
C LEU B 103 -6.13 -21.17 -0.66
N LYS B 104 -6.62 -20.32 0.25
CA LYS B 104 -6.50 -18.87 0.11
C LYS B 104 -5.15 -18.35 0.57
N TRP B 105 -4.17 -18.86 -0.11
CA TRP B 105 -2.78 -18.47 -0.12
C TRP B 105 -2.66 -18.56 -1.63
N LYS B 106 -2.95 -19.74 -2.22
CA LYS B 106 -2.87 -19.94 -3.66
C LYS B 106 -3.98 -19.20 -4.40
N GLU B 107 -5.17 -19.83 -4.45
CA GLU B 107 -6.32 -19.42 -5.25
C GLU B 107 -6.65 -17.97 -5.06
N ALA B 108 -7.44 -17.73 -4.03
CA ALA B 108 -7.92 -16.41 -3.81
C ALA B 108 -6.77 -15.45 -3.61
N LEU B 109 -5.59 -15.82 -3.10
CA LEU B 109 -4.77 -14.73 -2.66
C LEU B 109 -3.62 -14.29 -3.50
N ALA B 110 -2.72 -15.24 -3.81
CA ALA B 110 -1.55 -14.94 -4.61
C ALA B 110 -2.04 -14.84 -6.07
N LYS B 111 -2.90 -15.72 -6.64
CA LYS B 111 -3.34 -15.59 -8.05
C LYS B 111 -3.94 -14.21 -8.12
N GLY B 112 -4.71 -14.00 -7.07
CA GLY B 112 -5.52 -12.83 -6.88
C GLY B 112 -4.75 -11.58 -6.72
N ASN B 113 -3.47 -11.55 -7.06
CA ASN B 113 -2.62 -10.38 -7.07
C ASN B 113 -2.23 -9.89 -5.63
N LEU B 114 -2.82 -10.27 -4.49
CA LEU B 114 -2.46 -9.57 -3.26
C LEU B 114 -1.82 -10.31 -2.08
N GLU B 115 -0.61 -10.00 -1.64
CA GLU B 115 0.03 -10.72 -0.54
C GLU B 115 -0.54 -10.45 0.87
N GLU B 116 -1.87 -10.54 1.05
CA GLU B 116 -2.50 -10.70 2.37
C GLU B 116 -2.05 -12.09 2.81
N ALA B 117 -2.00 -12.97 1.80
CA ALA B 117 -1.36 -14.27 1.80
C ALA B 117 0.00 -14.38 2.46
N ARG B 118 0.85 -13.34 2.46
CA ARG B 118 2.17 -13.41 3.06
C ARG B 118 2.16 -13.99 4.45
N LYS B 119 1.06 -13.71 5.14
CA LYS B 119 0.79 -14.11 6.50
C LYS B 119 1.17 -15.53 6.82
N TYR B 120 0.73 -16.40 5.93
CA TYR B 120 0.73 -17.81 6.23
C TYR B 120 2.05 -18.50 5.86
N ALA B 121 3.21 -17.80 5.87
CA ALA B 121 4.60 -18.34 5.69
C ALA B 121 5.72 -17.30 5.91
N GLN B 122 5.59 -16.05 5.43
CA GLN B 122 6.60 -15.05 5.71
C GLN B 122 6.52 -14.75 7.20
N ARG B 123 5.29 -14.81 7.72
CA ARG B 123 4.94 -14.63 9.12
C ARG B 123 4.39 -15.97 9.63
N ALA B 124 5.34 -16.95 9.60
CA ALA B 124 5.34 -18.32 10.12
C ALA B 124 5.68 -19.44 9.16
N THR B 125 6.91 -19.90 9.30
CA THR B 125 7.46 -20.96 8.47
C THR B 125 6.91 -22.36 8.80
N LYS B 126 5.61 -22.55 9.05
CA LYS B 126 5.10 -23.89 9.31
C LYS B 126 3.75 -24.13 8.66
N VAL B 127 3.50 -23.41 7.59
CA VAL B 127 2.39 -23.87 6.81
C VAL B 127 3.10 -24.19 5.50
N ASN B 128 3.18 -23.31 4.46
CA ASN B 128 3.68 -23.66 3.12
C ASN B 128 5.21 -23.66 2.98
N GLU B 129 5.87 -24.61 3.69
CA GLU B 129 7.34 -24.78 3.77
C GLU B 129 7.96 -25.18 2.47
N MET B 130 7.09 -25.84 1.66
CA MET B 130 7.25 -26.21 0.27
C MET B 130 8.30 -25.30 -0.35
N LEU B 131 8.05 -24.00 -0.20
CA LEU B 131 8.89 -23.02 -0.79
C LEU B 131 10.27 -23.04 -0.24
N ILE B 132 10.64 -22.97 1.03
CA ILE B 132 12.06 -22.82 1.28
C ILE B 132 12.75 -24.16 1.02
N GLU B 133 12.05 -25.28 0.86
CA GLU B 133 12.74 -26.53 0.53
C GLU B 133 13.08 -26.54 -0.95
N ASP B 134 12.23 -26.12 -1.88
CA ASP B 134 12.59 -26.08 -3.30
C ASP B 134 13.64 -25.05 -3.58
N ALA B 135 13.79 -24.12 -2.69
CA ALA B 135 14.77 -23.10 -2.88
C ALA B 135 16.03 -23.74 -2.32
N LYS B 136 16.10 -24.44 -1.14
CA LYS B 136 17.35 -25.03 -0.60
C LYS B 136 17.99 -25.96 -1.56
N LYS B 137 17.20 -26.69 -2.36
CA LYS B 137 17.73 -27.53 -3.42
C LYS B 137 18.43 -26.63 -4.43
N LEU B 138 17.67 -25.89 -5.26
CA LEU B 138 18.14 -24.97 -6.31
C LEU B 138 19.35 -24.22 -5.87
N LEU B 139 19.34 -23.68 -4.64
CA LEU B 139 20.47 -22.93 -4.18
C LEU B 139 21.64 -23.84 -4.00
N GLN B 140 21.53 -25.01 -3.36
CA GLN B 140 22.73 -25.84 -3.23
C GLN B 140 23.25 -26.47 -4.55
N LEU B 141 22.37 -26.91 -5.47
CA LEU B 141 22.79 -27.46 -6.76
C LEU B 141 23.36 -26.34 -7.61
N MET B 142 22.99 -25.08 -7.37
CA MET B 142 23.64 -24.07 -8.12
C MET B 142 24.75 -23.50 -7.28
N GLY B 143 25.20 -24.10 -6.17
CA GLY B 143 26.41 -23.65 -5.47
C GLY B 143 26.50 -22.20 -4.98
N ILE B 144 25.37 -21.66 -4.56
CA ILE B 144 25.27 -20.35 -3.97
C ILE B 144 25.06 -20.73 -2.48
N PRO B 145 25.82 -20.26 -1.50
CA PRO B 145 25.67 -20.64 -0.09
C PRO B 145 24.38 -20.44 0.65
N ILE B 146 24.07 -21.42 1.48
CA ILE B 146 22.92 -21.48 2.37
C ILE B 146 23.46 -21.23 3.77
N ILE B 147 22.78 -20.47 4.62
CA ILE B 147 23.23 -20.32 5.98
C ILE B 147 21.93 -20.63 6.64
N GLN B 148 21.84 -21.74 7.32
CA GLN B 148 20.64 -21.99 8.08
C GLN B 148 20.88 -21.19 9.34
N ALA B 149 19.89 -20.97 10.19
CA ALA B 149 20.09 -20.13 11.35
C ALA B 149 18.99 -20.44 12.31
N PRO B 150 19.22 -20.46 13.59
CA PRO B 150 18.32 -21.00 14.61
C PRO B 150 16.88 -20.55 14.65
N SER B 151 16.63 -19.25 14.40
CA SER B 151 15.26 -18.81 14.23
C SER B 151 15.15 -17.73 13.17
N GLU B 152 15.35 -16.47 13.50
CA GLU B 152 15.01 -15.49 12.54
C GLU B 152 16.13 -15.13 11.62
N GLY B 153 15.85 -15.42 10.36
CA GLY B 153 16.73 -15.09 9.26
C GLY B 153 17.31 -13.70 9.18
N GLU B 154 16.58 -12.63 9.52
CA GLU B 154 17.18 -11.31 9.29
C GLU B 154 18.12 -10.97 10.42
N ALA B 155 17.88 -11.57 11.57
CA ALA B 155 18.78 -11.42 12.69
C ALA B 155 20.15 -11.98 12.35
N GLN B 156 20.15 -13.16 11.72
CA GLN B 156 21.34 -13.83 11.28
C GLN B 156 21.98 -12.95 10.28
N ALA B 157 21.25 -12.51 9.26
CA ALA B 157 21.90 -11.70 8.24
C ALA B 157 22.49 -10.38 8.76
N ALA B 158 22.02 -9.99 9.96
CA ALA B 158 22.50 -8.84 10.69
C ALA B 158 23.81 -9.16 11.40
N TYR B 159 23.91 -10.27 12.11
CA TYR B 159 25.14 -10.73 12.72
C TYR B 159 26.25 -10.85 11.69
N MET B 160 25.94 -11.45 10.58
CA MET B 160 26.89 -11.61 9.52
C MET B 160 27.40 -10.28 8.96
N ALA B 161 26.67 -9.17 9.11
CA ALA B 161 27.10 -7.90 8.57
C ALA B 161 27.92 -7.05 9.55
N SER B 162 27.63 -7.17 10.85
CA SER B 162 28.37 -6.45 11.88
C SER B 162 29.77 -7.04 11.95
N LYS B 163 29.83 -8.37 12.13
CA LYS B 163 31.03 -9.22 12.12
C LYS B 163 31.34 -9.14 10.65
N GLY B 164 32.40 -8.55 10.13
CA GLY B 164 32.51 -8.25 8.70
C GLY B 164 32.53 -9.33 7.62
N ASP B 165 31.77 -10.43 7.66
CA ASP B 165 31.73 -11.43 6.60
C ASP B 165 30.87 -10.93 5.45
N VAL B 166 29.94 -9.98 5.70
CA VAL B 166 29.01 -9.46 4.71
C VAL B 166 29.08 -7.94 4.64
N TYR B 167 28.92 -7.26 3.49
CA TYR B 167 28.87 -5.80 3.47
C TYR B 167 27.55 -5.59 4.15
N ALA B 168 26.43 -6.08 3.60
CA ALA B 168 25.17 -5.80 4.24
C ALA B 168 24.12 -6.86 4.05
N SER B 169 23.16 -6.87 4.94
CA SER B 169 21.98 -7.67 4.79
C SER B 169 21.17 -7.28 3.55
N ALA B 170 20.23 -8.00 3.02
CA ALA B 170 19.36 -7.44 2.00
C ALA B 170 18.02 -8.02 2.42
N SER B 171 17.00 -7.25 2.07
CA SER B 171 15.60 -7.54 2.36
C SER B 171 14.85 -6.25 2.12
N GLN B 172 13.52 -6.30 2.10
CA GLN B 172 12.74 -5.08 1.96
C GLN B 172 12.37 -4.66 3.38
N ASP B 173 12.09 -5.62 4.29
CA ASP B 173 11.70 -5.34 5.67
C ASP B 173 12.95 -4.80 6.31
N TYR B 174 12.64 -3.96 7.27
CA TYR B 174 13.68 -3.32 8.02
C TYR B 174 14.09 -4.12 9.25
N ASP B 175 13.52 -5.31 9.54
CA ASP B 175 13.92 -6.09 10.69
C ASP B 175 15.42 -6.31 10.91
N SER B 176 16.36 -6.33 9.96
CA SER B 176 17.77 -6.42 10.29
C SER B 176 18.29 -5.14 10.99
N LEU B 177 17.78 -3.90 10.82
CA LEU B 177 18.29 -2.75 11.58
C LEU B 177 17.96 -2.94 13.07
N LEU B 178 16.79 -3.54 13.32
CA LEU B 178 16.38 -3.85 14.67
C LEU B 178 17.41 -4.79 15.26
N PHE B 179 17.69 -5.86 14.51
CA PHE B 179 18.64 -6.91 14.88
C PHE B 179 20.10 -6.54 14.83
N GLY B 180 20.47 -5.29 14.60
CA GLY B 180 21.86 -4.90 14.66
C GLY B 180 22.53 -4.62 13.34
N ALA B 181 22.07 -5.11 12.17
CA ALA B 181 22.78 -5.01 10.88
C ALA B 181 23.24 -3.62 10.63
N PRO B 182 24.50 -3.43 10.35
CA PRO B 182 25.12 -2.11 10.24
C PRO B 182 24.72 -1.40 8.96
N ARG B 183 24.45 -2.12 7.87
CA ARG B 183 24.03 -1.62 6.58
C ARG B 183 22.86 -2.49 6.09
N LEU B 184 21.91 -1.99 5.30
CA LEU B 184 20.78 -2.76 4.80
C LEU B 184 20.70 -2.30 3.36
N ILE B 185 20.44 -3.17 2.40
CA ILE B 185 20.28 -2.80 1.02
C ILE B 185 18.99 -3.44 0.54
N ARG B 186 18.22 -2.54 -0.05
CA ARG B 186 16.85 -2.79 -0.44
C ARG B 186 16.68 -2.95 -1.93
N ASN B 187 15.60 -3.46 -2.48
CA ASN B 187 15.38 -3.53 -3.90
C ASN B 187 16.30 -4.38 -4.72
N LEU B 188 17.29 -5.09 -4.13
CA LEU B 188 18.13 -6.02 -4.86
C LEU B 188 17.37 -7.09 -5.66
N THR B 189 16.59 -7.91 -4.98
CA THR B 189 15.73 -8.86 -5.62
C THR B 189 14.84 -8.28 -6.71
N ILE B 190 14.64 -6.97 -6.86
CA ILE B 190 13.82 -6.41 -7.93
C ILE B 190 14.55 -5.22 -8.53
N THR B 191 15.88 -5.19 -8.68
CA THR B 191 16.51 -4.03 -9.29
C THR B 191 16.01 -4.01 -10.72
N GLY B 192 15.24 -3.02 -11.23
CA GLY B 192 14.71 -3.17 -12.59
C GLY B 192 14.28 -1.92 -13.41
N LYS B 193 13.47 -2.17 -14.46
CA LYS B 193 13.10 -1.13 -15.42
C LYS B 193 12.01 -0.12 -15.05
N ARG B 194 12.62 0.93 -14.42
CA ARG B 194 11.98 2.13 -13.87
C ARG B 194 10.76 2.60 -14.66
N LYS B 195 11.06 2.69 -15.93
CA LYS B 195 10.20 3.21 -16.96
C LYS B 195 8.88 2.47 -17.18
N MET B 196 8.57 1.36 -16.49
CA MET B 196 7.40 0.59 -16.86
C MET B 196 6.25 0.78 -15.88
N PRO B 197 5.09 1.45 -16.16
CA PRO B 197 4.34 2.30 -15.24
C PRO B 197 4.43 1.96 -13.79
N GLY B 198 4.25 0.66 -13.52
CA GLY B 198 4.29 0.05 -12.20
C GLY B 198 4.52 -1.47 -12.27
N LYS B 199 4.95 -2.05 -11.13
CA LYS B 199 5.38 -3.45 -11.01
C LYS B 199 4.81 -4.12 -9.74
N ASP B 200 5.37 -3.60 -8.64
CA ASP B 200 5.24 -3.95 -7.22
C ASP B 200 6.65 -3.54 -6.73
N VAL B 201 6.78 -3.08 -5.49
CA VAL B 201 8.03 -2.61 -4.88
C VAL B 201 7.63 -2.13 -3.47
N TYR B 202 8.63 -1.60 -2.77
CA TYR B 202 8.45 -0.90 -1.51
C TYR B 202 8.65 0.58 -1.85
N VAL B 203 9.84 1.12 -2.18
CA VAL B 203 9.92 2.49 -2.64
C VAL B 203 9.90 2.42 -4.17
N GLU B 204 11.04 2.20 -4.86
CA GLU B 204 11.12 2.21 -6.31
C GLU B 204 12.46 1.70 -6.86
N ILE B 205 12.30 0.62 -7.67
CA ILE B 205 13.28 -0.17 -8.46
C ILE B 205 14.79 0.07 -8.65
N LYS B 206 15.55 0.80 -7.85
CA LYS B 206 17.00 0.92 -7.97
C LYS B 206 17.60 0.63 -6.57
N PRO B 207 18.72 -0.05 -6.28
CA PRO B 207 19.11 -0.42 -4.92
C PRO B 207 19.51 0.72 -3.97
N GLU B 208 18.69 1.03 -3.00
CA GLU B 208 19.04 2.04 -2.05
C GLU B 208 19.68 1.34 -0.90
N LEU B 209 20.56 2.08 -0.24
CA LEU B 209 21.26 1.60 0.95
C LEU B 209 20.93 2.40 2.23
N VAL B 210 20.40 1.67 3.22
CA VAL B 210 19.95 2.19 4.49
C VAL B 210 21.00 1.73 5.48
N VAL B 211 21.53 2.70 6.21
CA VAL B 211 22.68 2.47 7.08
C VAL B 211 22.26 2.62 8.50
N LEU B 212 22.61 1.71 9.42
CA LEU B 212 22.14 1.90 10.77
C LEU B 212 22.79 3.12 11.39
N ASP B 213 24.04 3.52 11.08
CA ASP B 213 24.61 4.78 11.62
C ASP B 213 23.62 5.94 11.36
N GLU B 214 23.28 6.14 10.09
CA GLU B 214 22.48 7.28 9.73
C GLU B 214 21.05 7.25 10.25
N VAL B 215 20.50 6.05 10.41
CA VAL B 215 19.15 6.00 10.89
C VAL B 215 19.17 6.37 12.35
N LEU B 216 20.18 6.01 13.14
CA LEU B 216 20.17 6.39 14.53
C LEU B 216 20.58 7.83 14.71
N LYS B 217 21.55 8.32 13.93
CA LYS B 217 22.00 9.68 14.08
C LYS B 217 20.80 10.58 13.86
N GLU B 218 20.07 10.44 12.76
CA GLU B 218 18.89 11.25 12.57
C GLU B 218 17.77 11.03 13.58
N LEU B 219 17.51 9.82 14.02
CA LEU B 219 16.41 9.67 14.92
C LEU B 219 16.78 10.03 16.34
N LYS B 220 17.96 10.56 16.64
CA LYS B 220 18.34 10.97 17.99
C LYS B 220 17.82 10.13 19.17
N ILE B 221 17.92 8.84 18.94
CA ILE B 221 17.65 7.84 19.93
C ILE B 221 18.77 6.82 19.63
N THR B 222 18.75 5.60 20.11
CA THR B 222 19.78 4.63 19.80
C THR B 222 19.16 3.27 19.89
N ARG B 223 19.72 2.25 19.24
CA ARG B 223 19.08 0.96 19.13
C ARG B 223 18.09 0.42 20.14
N GLU B 224 18.35 0.23 21.46
CA GLU B 224 17.34 -0.34 22.34
C GLU B 224 16.10 0.57 22.35
N LYS B 225 16.23 1.86 22.01
CA LYS B 225 15.08 2.74 21.79
C LYS B 225 14.50 2.39 20.40
N LEU B 226 15.26 2.41 19.29
CA LEU B 226 14.71 2.10 17.98
C LEU B 226 13.84 0.84 18.04
N ILE B 227 14.25 -0.08 18.87
CA ILE B 227 13.54 -1.32 19.06
C ILE B 227 12.24 -1.07 19.82
N GLU B 228 12.23 -0.19 20.79
CA GLU B 228 10.98 0.08 21.50
C GLU B 228 9.99 0.75 20.56
N LEU B 229 10.51 1.45 19.54
CA LEU B 229 9.67 2.16 18.57
C LEU B 229 8.83 1.18 17.78
N ALA B 230 9.57 0.30 17.12
CA ALA B 230 8.96 -0.65 16.26
C ALA B 230 7.99 -1.43 17.12
N ILE B 231 8.21 -1.70 18.43
CA ILE B 231 7.28 -2.50 19.24
C ILE B 231 5.98 -1.74 19.40
N LEU B 232 6.06 -0.41 19.50
CA LEU B 232 4.85 0.37 19.67
C LEU B 232 4.04 0.28 18.36
N VAL B 233 4.58 0.74 17.20
CA VAL B 233 4.04 0.69 15.82
C VAL B 233 3.42 -0.70 15.52
N GLY B 234 4.21 -1.80 15.66
CA GLY B 234 3.79 -3.19 15.49
C GLY B 234 4.84 -3.95 14.71
N THR B 235 5.55 -4.89 15.31
CA THR B 235 6.45 -5.76 14.58
C THR B 235 5.65 -7.03 14.30
N ASP B 236 6.23 -8.02 13.66
CA ASP B 236 5.43 -9.19 13.32
C ASP B 236 5.01 -10.05 14.51
N TYR B 237 5.59 -9.94 15.71
CA TYR B 237 5.23 -10.78 16.86
C TYR B 237 4.18 -10.14 17.80
N ASN B 238 3.71 -9.03 17.28
CA ASN B 238 2.80 -8.14 17.93
C ASN B 238 2.15 -7.36 16.76
N PRO B 239 1.36 -8.00 15.87
CA PRO B 239 0.92 -7.41 14.59
C PRO B 239 0.12 -6.09 14.46
N GLY B 240 -0.45 -5.45 15.46
CA GLY B 240 -1.14 -4.18 15.21
C GLY B 240 -0.79 -3.11 16.26
N GLY B 241 0.43 -3.32 16.81
CA GLY B 241 0.99 -2.52 17.88
C GLY B 241 0.04 -2.20 19.03
N VAL B 242 0.37 -1.16 19.77
CA VAL B 242 -0.54 -0.75 20.78
C VAL B 242 -1.31 0.26 19.97
N LYS B 243 -2.60 0.01 19.91
CA LYS B 243 -3.52 0.78 19.08
C LYS B 243 -3.50 2.29 19.21
N GLY B 244 -3.51 2.93 18.05
CA GLY B 244 -3.55 4.36 18.07
C GLY B 244 -2.15 4.93 18.17
N ILE B 245 -1.04 4.26 18.45
CA ILE B 245 0.24 4.95 18.43
C ILE B 245 0.91 4.55 17.14
N GLY B 246 1.35 5.50 16.34
CA GLY B 246 2.00 5.18 15.10
C GLY B 246 3.41 5.72 15.06
N PRO B 247 4.32 5.42 14.11
CA PRO B 247 5.72 5.73 14.21
C PRO B 247 6.04 7.08 14.78
N LYS B 248 5.48 8.18 14.26
CA LYS B 248 5.90 9.51 14.68
C LYS B 248 5.64 9.77 16.15
N LYS B 249 4.51 9.25 16.60
CA LYS B 249 4.15 9.37 18.01
C LYS B 249 5.16 8.51 18.73
N ALA B 250 5.26 7.29 18.23
CA ALA B 250 6.07 6.29 18.85
C ALA B 250 7.50 6.79 18.94
N LEU B 251 8.01 7.57 17.97
CA LEU B 251 9.38 8.07 18.00
C LEU B 251 9.52 8.93 19.26
N GLU B 252 8.60 9.86 19.50
CA GLU B 252 8.59 10.73 20.66
C GLU B 252 8.49 9.95 21.95
N ILE B 253 7.40 9.16 22.10
CA ILE B 253 7.16 8.31 23.27
C ILE B 253 8.50 7.74 23.67
N VAL B 254 9.14 7.06 22.70
CA VAL B 254 10.45 6.45 22.78
C VAL B 254 11.35 7.49 23.37
N ARG B 255 11.63 8.54 22.61
CA ARG B 255 12.60 9.57 22.88
C ARG B 255 12.47 10.26 24.25
N TYR B 256 11.25 10.33 24.73
CA TYR B 256 11.04 11.09 25.94
C TYR B 256 11.27 10.24 27.18
N SER B 257 10.49 9.19 27.23
CA SER B 257 10.34 8.48 28.47
C SER B 257 11.49 7.53 28.69
N ARG B 258 11.33 6.69 29.73
CA ARG B 258 12.38 5.75 30.05
C ARG B 258 12.05 4.28 29.87
N ASP B 259 10.77 3.94 29.84
CA ASP B 259 10.42 2.53 29.80
C ASP B 259 9.11 2.33 29.00
N PRO B 260 8.98 2.86 27.79
CA PRO B 260 7.74 2.93 27.01
C PRO B 260 6.86 1.72 27.08
N LEU B 261 7.42 0.54 27.15
CA LEU B 261 6.59 -0.63 27.11
C LEU B 261 5.67 -0.77 28.30
N ALA B 262 6.26 -0.39 29.41
CA ALA B 262 5.59 -0.42 30.68
C ALA B 262 4.16 0.09 30.69
N LYS B 263 3.98 1.32 30.18
CA LYS B 263 2.67 1.91 30.15
C LYS B 263 1.75 0.95 29.40
N PHE B 264 2.17 0.42 28.23
CA PHE B 264 1.21 -0.37 27.43
C PHE B 264 1.34 -1.85 27.61
N GLN B 265 2.25 -2.26 28.49
CA GLN B 265 2.42 -3.68 28.76
C GLN B 265 1.20 -4.22 29.53
N ARG B 266 0.45 -3.24 30.03
CA ARG B 266 -0.89 -3.34 30.58
C ARG B 266 -1.78 -3.94 29.48
N GLN B 267 -3.07 -3.56 29.48
CA GLN B 267 -4.00 -3.98 28.43
C GLN B 267 -3.38 -3.31 27.20
N SER B 268 -3.30 -4.18 26.22
CA SER B 268 -2.53 -4.11 25.00
C SER B 268 -1.46 -5.18 25.32
N ASP B 269 -1.89 -6.28 25.91
CA ASP B 269 -0.90 -7.23 26.32
C ASP B 269 -0.81 -8.38 25.37
N VAL B 270 0.45 -8.49 24.91
CA VAL B 270 1.08 -9.68 24.34
C VAL B 270 2.51 -9.25 24.20
N ASP B 271 3.01 -9.34 25.44
CA ASP B 271 4.37 -9.07 25.92
C ASP B 271 5.51 -8.45 25.11
N LEU B 272 5.31 -7.17 25.44
CA LEU B 272 6.07 -6.07 24.92
C LEU B 272 7.48 -6.11 25.49
N TYR B 273 7.65 -6.73 26.66
CA TYR B 273 9.02 -6.90 27.11
C TYR B 273 9.64 -8.11 26.43
N ALA B 274 8.96 -9.27 26.15
CA ALA B 274 9.61 -10.46 25.56
C ALA B 274 10.12 -10.09 24.16
N ILE B 275 9.36 -9.35 23.34
CA ILE B 275 9.82 -8.93 22.00
C ILE B 275 11.07 -8.02 22.08
N LYS B 276 11.29 -7.29 23.15
CA LYS B 276 12.45 -6.46 23.35
C LYS B 276 13.77 -7.19 23.27
N GLU B 277 13.87 -8.26 24.07
CA GLU B 277 15.05 -9.09 24.26
C GLU B 277 15.48 -9.66 22.96
N PHE B 278 14.49 -10.17 22.24
CA PHE B 278 14.64 -10.80 20.94
C PHE B 278 15.17 -9.88 19.87
N PHE B 279 14.97 -8.58 19.92
CA PHE B 279 15.60 -7.79 18.91
C PHE B 279 17.02 -7.42 19.36
N LEU B 280 17.41 -7.78 20.58
CA LEU B 280 18.73 -7.40 21.14
C LEU B 280 19.72 -8.56 21.26
N ASN B 281 19.07 -9.68 21.59
CA ASN B 281 19.64 -10.99 21.93
C ASN B 281 19.16 -12.11 21.01
N PRO B 282 19.10 -12.00 19.67
CA PRO B 282 18.53 -13.03 18.82
C PRO B 282 19.45 -14.24 18.77
N PRO B 283 18.84 -15.38 18.79
CA PRO B 283 19.51 -16.57 18.33
C PRO B 283 20.31 -16.41 17.01
N VAL B 284 21.60 -16.16 17.11
CA VAL B 284 22.44 -16.14 15.91
C VAL B 284 23.41 -17.33 15.87
N THR B 285 23.63 -17.92 14.70
CA THR B 285 24.49 -19.08 14.57
C THR B 285 25.75 -18.55 13.96
N ASN B 286 26.70 -19.43 13.82
CA ASN B 286 27.82 -19.08 12.97
C ASN B 286 28.64 -20.26 12.53
N GLU B 287 28.10 -21.47 12.72
CA GLU B 287 28.77 -22.52 11.99
C GLU B 287 28.22 -22.37 10.54
N TYR B 288 28.88 -21.61 9.68
CA TYR B 288 28.44 -21.52 8.30
C TYR B 288 29.75 -21.27 7.61
N SER B 289 29.62 -21.63 6.37
CA SER B 289 30.74 -21.63 5.51
C SER B 289 30.14 -21.04 4.24
N LEU B 290 30.88 -20.11 3.64
CA LEU B 290 30.44 -19.36 2.47
C LEU B 290 31.35 -19.70 1.28
N SER B 291 31.14 -20.74 0.47
CA SER B 291 31.98 -20.97 -0.71
C SER B 291 31.12 -20.92 -1.94
N TRP B 292 31.33 -20.08 -2.95
CA TRP B 292 30.42 -20.13 -4.09
C TRP B 292 31.05 -21.14 -5.00
N LYS B 293 30.52 -22.35 -5.02
CA LYS B 293 31.15 -23.41 -5.76
C LYS B 293 30.86 -23.37 -7.23
N GLU B 294 30.82 -24.55 -7.88
CA GLU B 294 30.51 -24.67 -9.30
C GLU B 294 29.27 -25.56 -9.35
N PRO B 295 28.44 -25.32 -10.36
CA PRO B 295 27.06 -25.71 -10.32
C PRO B 295 26.84 -27.00 -11.07
N ASP B 296 25.90 -27.74 -10.53
CA ASP B 296 25.43 -28.99 -11.08
C ASP B 296 24.86 -29.05 -12.52
N GLU B 297 25.60 -28.51 -13.52
CA GLU B 297 25.25 -28.31 -14.93
C GLU B 297 23.90 -28.91 -15.25
N GLU B 298 23.90 -30.16 -15.66
CA GLU B 298 22.70 -30.87 -15.99
C GLU B 298 21.84 -31.16 -14.75
N GLY B 299 22.32 -31.49 -13.52
CA GLY B 299 21.44 -31.79 -12.40
C GLY B 299 20.38 -30.69 -12.14
N ILE B 300 20.84 -29.44 -12.28
CA ILE B 300 20.02 -28.24 -12.19
C ILE B 300 18.95 -28.50 -13.26
N LEU B 301 19.40 -28.54 -14.53
CA LEU B 301 18.58 -28.71 -15.71
C LEU B 301 17.55 -29.80 -15.51
N LYS B 302 17.89 -30.79 -14.71
CA LYS B 302 16.95 -31.83 -14.37
C LYS B 302 15.71 -31.33 -13.59
N PHE B 303 15.86 -30.73 -12.40
CA PHE B 303 14.75 -30.31 -11.55
C PHE B 303 13.94 -29.15 -12.12
N LEU B 304 14.56 -28.12 -12.70
CA LEU B 304 13.79 -27.04 -13.31
C LEU B 304 13.21 -27.50 -14.64
N CYS B 305 13.89 -28.18 -15.58
CA CYS B 305 13.28 -28.60 -16.83
C CYS B 305 12.53 -29.92 -16.87
N ASP B 306 13.21 -31.00 -16.45
CA ASP B 306 12.61 -32.32 -16.52
C ASP B 306 11.44 -32.25 -15.53
N GLU B 307 11.75 -31.91 -14.30
CA GLU B 307 10.72 -31.88 -13.32
C GLU B 307 9.99 -30.56 -13.10
N HIS B 308 10.31 -29.36 -13.56
CA HIS B 308 9.43 -28.22 -13.26
C HIS B 308 8.98 -27.45 -14.48
N ASN B 309 9.11 -28.12 -15.62
CA ASN B 309 8.72 -27.63 -16.93
C ASN B 309 9.30 -26.34 -17.46
N PHE B 310 10.52 -26.00 -17.06
CA PHE B 310 11.22 -24.88 -17.67
C PHE B 310 11.68 -25.12 -19.11
N SER B 311 11.96 -23.99 -19.74
CA SER B 311 12.38 -24.01 -21.14
C SER B 311 13.81 -24.51 -21.25
N GLU B 312 14.17 -25.11 -22.36
CA GLU B 312 15.54 -25.53 -22.48
C GLU B 312 16.44 -24.32 -22.68
N GLU B 313 16.58 -23.77 -23.88
CA GLU B 313 17.60 -22.77 -24.13
C GLU B 313 17.63 -21.54 -23.19
N ARG B 314 16.55 -21.08 -22.53
CA ARG B 314 16.67 -19.98 -21.56
C ARG B 314 17.48 -20.44 -20.35
N VAL B 315 17.08 -21.61 -19.80
CA VAL B 315 17.72 -22.18 -18.64
C VAL B 315 19.13 -22.44 -19.11
N LYS B 316 19.34 -23.12 -20.26
CA LYS B 316 20.64 -23.43 -20.81
C LYS B 316 21.52 -22.22 -20.90
N ASN B 317 20.96 -21.07 -21.30
CA ASN B 317 21.72 -19.82 -21.36
C ASN B 317 22.06 -19.43 -19.92
N GLY B 318 21.07 -19.50 -19.02
CA GLY B 318 21.24 -19.19 -17.62
C GLY B 318 22.36 -20.00 -17.01
N ILE B 319 22.45 -21.34 -17.23
CA ILE B 319 23.51 -22.19 -16.68
C ILE B 319 24.84 -21.83 -17.31
N GLU B 320 24.88 -21.49 -18.60
CA GLU B 320 26.07 -20.95 -19.23
C GLU B 320 26.52 -19.70 -18.44
N ARG B 321 25.68 -18.66 -18.34
CA ARG B 321 26.02 -17.42 -17.67
C ARG B 321 26.56 -17.55 -16.24
N LEU B 322 25.86 -18.44 -15.53
CA LEU B 322 26.14 -18.75 -14.14
C LEU B 322 27.62 -18.94 -13.93
N LYS B 323 28.09 -20.04 -14.56
CA LYS B 323 29.46 -20.50 -14.45
C LYS B 323 30.50 -19.42 -14.81
N LYS B 324 30.34 -18.75 -15.98
CA LYS B 324 31.35 -17.79 -16.38
C LYS B 324 31.52 -16.82 -15.24
N ALA B 325 30.38 -16.35 -14.75
CA ALA B 325 30.34 -15.41 -13.67
C ALA B 325 30.87 -15.88 -12.30
N ILE B 326 30.89 -17.15 -11.90
CA ILE B 326 31.22 -17.43 -10.51
C ILE B 326 32.68 -17.53 -10.08
N LYS B 327 33.59 -18.11 -10.87
CA LYS B 327 35.00 -18.36 -10.46
C LYS B 327 35.83 -17.09 -10.14
N ALA B 328 35.48 -16.03 -10.91
CA ALA B 328 35.98 -14.66 -10.78
C ALA B 328 35.76 -13.98 -9.40
N GLY B 329 34.62 -14.13 -8.72
CA GLY B 329 34.47 -13.60 -7.37
C GLY B 329 35.16 -14.55 -6.36
N ARG B 330 34.91 -15.85 -6.58
CA ARG B 330 35.30 -16.91 -5.66
C ARG B 330 36.80 -17.12 -5.39
N GLN B 331 37.27 -16.73 -4.18
CA GLN B 331 38.68 -16.98 -3.86
C GLN B 331 39.01 -17.95 -2.72
N SER B 332 39.18 -17.58 -1.44
CA SER B 332 39.49 -18.49 -0.33
C SER B 332 39.86 -17.69 0.91
#